data_1TC5
#
_entry.id   1TC5
#
_cell.length_a   67.479
_cell.length_b   67.465
_cell.length_c   174.410
_cell.angle_alpha   90.00
_cell.angle_beta   90.00
_cell.angle_gamma   90.00
#
_symmetry.space_group_name_H-M   'P 2 2 21'
#
loop_
_entity.id
_entity.type
_entity.pdbx_description
1 polymer 'Probable eukaryotic D-amino acid tRNA deacylase, LMAJ005534AAA'
2 water water
#
_entity_poly.entity_id   1
_entity_poly.type   'polypeptide(L)'
_entity_poly.pdbx_seq_one_letter_code
;MAHHHHHHMTIRVMLQAMDQGHLLVNNVDKYVRAGRGVMVYIAFLSDRDSAPITDEALRHAVGVLLHTKIFTHFSPEKMI
NQPQSLEECPEMDILIVPQASLGGKVKGRSVQFHQLVAKDVGAALYDRFCHFVRVARGVDESRVDANGAPRSEGDAPKAE
GWIKYNSRVISGTFGNRQGLRFESEGPFTHMFDI
;
_entity_poly.pdbx_strand_id   A,B,C,D
#
# COMPACT_ATOMS: atom_id res chain seq x y z
N HIS A 8 10.04 -1.98 -5.40
CA HIS A 8 9.69 -2.04 -3.93
C HIS A 8 8.33 -2.71 -3.63
N MET A 9 8.22 -3.24 -2.42
CA MET A 9 7.00 -3.89 -1.94
C MET A 9 5.93 -2.89 -1.40
N THR A 10 4.68 -3.12 -1.78
CA THR A 10 3.56 -2.29 -1.39
C THR A 10 2.71 -2.94 -0.28
N ILE A 11 2.40 -2.17 0.76
CA ILE A 11 1.39 -2.55 1.74
C ILE A 11 0.13 -1.82 1.31
N ARG A 12 -0.88 -2.57 0.86
CA ARG A 12 -2.19 -2.01 0.49
C ARG A 12 -3.16 -2.17 1.64
N VAL A 13 -3.77 -1.05 2.05
CA VAL A 13 -4.84 -1.14 3.04
C VAL A 13 -6.14 -0.48 2.58
N MET A 14 -7.26 -1.10 2.92
N MET A 14 -7.26 -1.12 2.88
CA MET A 14 -8.57 -0.49 2.80
CA MET A 14 -8.56 -0.50 2.82
C MET A 14 -9.07 -0.21 4.23
C MET A 14 -8.96 -0.17 4.26
N LEU A 15 -9.46 1.03 4.48
CA LEU A 15 -9.79 1.50 5.82
C LEU A 15 -11.21 1.99 5.82
N GLN A 16 -12.01 1.48 6.76
CA GLN A 16 -13.43 1.85 6.87
C GLN A 16 -13.73 2.29 8.30
N ALA A 17 -14.58 3.32 8.40
CA ALA A 17 -15.14 3.79 9.69
C ALA A 17 -16.04 2.71 10.28
N MET A 18 -15.60 2.16 11.39
CA MET A 18 -16.31 1.10 12.11
C MET A 18 -17.10 1.67 13.28
N ASP A 19 -18.34 1.21 13.44
CA ASP A 19 -19.07 1.40 14.69
C ASP A 19 -19.02 0.14 15.54
N GLN A 20 -19.36 -1.00 14.93
CA GLN A 20 -19.26 -2.32 15.56
C GLN A 20 -18.70 -3.34 14.55
N GLY A 21 -17.90 -4.28 15.03
CA GLY A 21 -17.49 -5.42 14.24
C GLY A 21 -17.46 -6.74 14.99
N HIS A 22 -17.76 -7.81 14.27
CA HIS A 22 -17.61 -9.21 14.69
C HIS A 22 -16.81 -9.96 13.63
N LEU A 23 -15.70 -10.57 14.05
CA LEU A 23 -14.83 -11.30 13.14
C LEU A 23 -14.68 -12.76 13.59
N LEU A 24 -14.96 -13.67 12.68
CA LEU A 24 -14.83 -15.10 12.90
C LEU A 24 -13.36 -15.51 12.91
N VAL A 25 -12.94 -16.17 13.99
CA VAL A 25 -11.53 -16.50 14.19
C VAL A 25 -11.18 -17.99 14.15
N ASN A 26 -12.17 -18.89 14.22
CA ASN A 26 -11.89 -20.34 14.19
C ASN A 26 -12.51 -21.11 13.00
N ASN A 27 -12.96 -20.40 11.99
CA ASN A 27 -13.60 -20.99 10.80
C ASN A 27 -14.99 -21.62 11.07
N VAL A 28 -15.49 -21.50 12.30
CA VAL A 28 -16.72 -22.17 12.66
C VAL A 28 -17.72 -21.18 13.23
N ASP A 29 -17.63 -20.86 14.52
CA ASP A 29 -18.64 -20.00 15.14
C ASP A 29 -18.15 -19.09 16.28
N LYS A 30 -16.84 -18.99 16.47
CA LYS A 30 -16.28 -18.11 17.48
C LYS A 30 -15.97 -16.74 16.82
N TYR A 31 -16.65 -15.70 17.29
CA TYR A 31 -16.43 -14.33 16.84
C TYR A 31 -15.81 -13.50 17.95
N VAL A 32 -14.85 -12.66 17.56
CA VAL A 32 -14.27 -11.65 18.44
C VAL A 32 -14.81 -10.27 18.02
N ARG A 33 -14.94 -9.39 19.00
CA ARG A 33 -15.66 -8.15 18.82
C ARG A 33 -14.79 -6.92 18.93
N ALA A 34 -15.17 -5.92 18.14
CA ALA A 34 -14.68 -4.56 18.31
C ALA A 34 -15.82 -3.55 18.31
N GLY A 35 -15.60 -2.44 19.03
CA GLY A 35 -16.51 -1.31 18.97
C GLY A 35 -16.04 -0.27 17.97
N ARG A 36 -16.30 1.00 18.31
CA ARG A 36 -16.06 2.08 17.38
C ARG A 36 -14.58 2.26 17.11
N GLY A 37 -14.26 2.49 15.85
CA GLY A 37 -12.89 2.74 15.46
C GLY A 37 -12.72 2.53 13.97
N VAL A 38 -11.69 1.81 13.58
CA VAL A 38 -11.37 1.56 12.17
C VAL A 38 -11.18 0.08 11.87
N MET A 39 -11.82 -0.38 10.80
CA MET A 39 -11.59 -1.71 10.24
C MET A 39 -10.61 -1.62 9.08
N VAL A 40 -9.54 -2.40 9.20
CA VAL A 40 -8.41 -2.37 8.28
C VAL A 40 -8.39 -3.70 7.53
N TYR A 41 -8.49 -3.67 6.21
CA TYR A 41 -8.16 -4.79 5.35
C TYR A 41 -6.72 -4.61 4.81
N ILE A 42 -5.90 -5.66 4.87
CA ILE A 42 -4.50 -5.51 4.52
C ILE A 42 -3.99 -6.62 3.59
N ALA A 43 -3.17 -6.20 2.63
CA ALA A 43 -2.51 -7.09 1.69
C ALA A 43 -1.10 -6.61 1.51
N PHE A 44 -0.20 -7.56 1.31
CA PHE A 44 1.20 -7.33 1.12
C PHE A 44 1.55 -7.76 -0.29
N LEU A 45 2.01 -6.80 -1.09
CA LEU A 45 2.16 -6.94 -2.53
C LEU A 45 3.61 -6.77 -2.95
N SER A 46 3.96 -7.32 -4.10
CA SER A 46 5.33 -7.39 -4.55
C SER A 46 5.49 -7.53 -6.06
N ASP A 47 6.55 -6.90 -6.59
CA ASP A 47 7.08 -7.25 -7.91
C ASP A 47 7.99 -8.48 -7.75
N ARG A 48 8.30 -9.13 -8.87
CA ARG A 48 9.30 -10.19 -8.88
C ARG A 48 10.65 -9.69 -8.40
N ASP A 49 11.01 -8.46 -8.76
CA ASP A 49 12.31 -7.89 -8.42
C ASP A 49 12.25 -6.77 -7.37
N SER A 50 11.27 -6.85 -6.46
CA SER A 50 11.12 -5.84 -5.40
C SER A 50 11.84 -6.29 -4.12
N ALA A 51 12.46 -5.33 -3.42
CA ALA A 51 13.12 -5.59 -2.14
C ALA A 51 12.12 -5.85 -1.00
N PRO A 52 12.50 -6.69 -0.03
CA PRO A 52 11.57 -7.11 1.04
C PRO A 52 11.32 -6.02 2.10
N ILE A 53 10.16 -6.11 2.75
CA ILE A 53 9.70 -5.08 3.69
C ILE A 53 10.44 -5.24 5.01
N THR A 54 11.23 -4.23 5.39
CA THR A 54 11.95 -4.25 6.66
C THR A 54 11.01 -3.90 7.81
N ASP A 55 11.53 -3.90 9.03
CA ASP A 55 10.80 -3.42 10.19
C ASP A 55 10.58 -1.91 10.15
N GLU A 56 11.58 -1.15 9.67
CA GLU A 56 11.45 0.31 9.60
C GLU A 56 10.34 0.69 8.63
N ALA A 57 10.20 -0.09 7.55
CA ALA A 57 9.13 0.09 6.58
C ALA A 57 7.74 -0.34 7.11
N LEU A 58 7.68 -1.43 7.87
CA LEU A 58 6.42 -1.84 8.50
C LEU A 58 5.94 -0.81 9.52
N ARG A 59 6.86 -0.30 10.32
CA ARG A 59 6.58 0.72 11.35
C ARG A 59 6.16 2.04 10.72
N HIS A 60 6.74 2.33 9.55
CA HIS A 60 6.33 3.48 8.77
C HIS A 60 4.89 3.33 8.34
N ALA A 61 4.51 2.14 7.92
CA ALA A 61 3.15 1.92 7.48
C ALA A 61 2.16 2.03 8.63
N VAL A 62 2.57 1.62 9.81
CA VAL A 62 1.72 1.71 11.00
C VAL A 62 1.54 3.21 11.33
N GLY A 63 2.61 3.98 11.17
CA GLY A 63 2.56 5.41 11.38
C GLY A 63 1.58 6.10 10.47
N VAL A 64 1.52 5.68 9.21
CA VAL A 64 0.55 6.23 8.27
C VAL A 64 -0.86 5.91 8.74
N LEU A 65 -1.09 4.64 9.11
CA LEU A 65 -2.37 4.24 9.67
C LEU A 65 -2.79 5.04 10.91
N LEU A 66 -1.87 5.33 11.82
CA LEU A 66 -2.22 5.95 13.10
C LEU A 66 -2.10 7.46 13.14
N HIS A 67 -1.19 8.04 12.36
CA HIS A 67 -0.89 9.48 12.42
C HIS A 67 -1.71 10.32 11.45
N THR A 68 -2.20 9.69 10.40
CA THR A 68 -2.96 10.43 9.39
C THR A 68 -4.37 10.73 9.93
N LYS A 69 -4.80 11.97 9.77
CA LYS A 69 -6.15 12.37 10.12
C LYS A 69 -7.04 11.96 8.97
N ILE A 70 -7.85 10.92 9.19
CA ILE A 70 -8.65 10.35 8.12
C ILE A 70 -10.14 10.48 8.42
N PHE A 71 -10.56 9.92 9.57
CA PHE A 71 -11.98 9.73 9.89
C PHE A 71 -12.59 10.79 10.82
N THR A 72 -13.90 11.00 10.64
CA THR A 72 -14.67 12.08 11.28
C THR A 72 -15.68 11.57 12.30
N HIS A 73 -15.68 10.25 12.56
CA HIS A 73 -16.70 9.64 13.40
C HIS A 73 -16.26 9.28 14.83
N PHE A 74 -14.99 9.49 15.15
CA PHE A 74 -14.47 9.06 16.47
C PHE A 74 -15.06 9.78 17.67
N SER A 75 -15.38 11.07 17.48
CA SER A 75 -15.72 11.97 18.57
C SER A 75 -17.08 12.66 18.34
N PRO A 76 -18.17 11.92 18.51
CA PRO A 76 -19.52 12.47 18.28
C PRO A 76 -19.85 13.68 19.17
N GLU A 77 -19.18 13.79 20.31
CA GLU A 77 -19.30 14.91 21.23
C GLU A 77 -18.67 16.25 20.75
N LYS A 78 -17.97 16.23 19.62
CA LYS A 78 -17.30 17.41 19.08
C LYS A 78 -18.33 18.32 18.41
N MET A 79 -18.27 19.60 18.75
CA MET A 79 -19.11 20.62 18.17
C MET A 79 -18.93 20.66 16.66
N ILE A 80 -17.67 20.74 16.23
CA ILE A 80 -17.31 20.72 14.83
C ILE A 80 -16.48 19.49 14.49
N ASN A 81 -16.98 18.60 13.64
CA ASN A 81 -16.27 17.38 13.31
C ASN A 81 -15.22 17.63 12.22
N GLN A 82 -13.97 17.31 12.56
CA GLN A 82 -12.85 17.35 11.60
C GLN A 82 -12.27 15.93 11.54
N PRO A 83 -11.60 15.59 10.44
CA PRO A 83 -10.83 14.33 10.41
C PRO A 83 -9.82 14.30 11.60
N GLN A 84 -9.68 13.12 12.18
CA GLN A 84 -8.83 12.93 13.34
C GLN A 84 -7.97 11.70 13.08
N SER A 85 -6.81 11.67 13.72
CA SER A 85 -5.97 10.49 13.67
C SER A 85 -6.38 9.51 14.77
N LEU A 86 -6.12 8.24 14.52
CA LEU A 86 -6.24 7.24 15.57
C LEU A 86 -5.34 7.61 16.73
N GLU A 87 -4.16 8.16 16.43
CA GLU A 87 -3.20 8.51 17.47
C GLU A 87 -3.82 9.47 18.49
N GLU A 88 -4.54 10.48 18.04
CA GLU A 88 -5.12 11.45 18.97
C GLU A 88 -6.40 10.93 19.63
N CYS A 89 -6.89 9.76 19.21
CA CYS A 89 -8.02 9.10 19.85
C CYS A 89 -7.61 7.67 20.29
N PRO A 90 -6.81 7.57 21.35
CA PRO A 90 -6.24 6.28 21.80
C PRO A 90 -7.23 5.17 22.15
N GLU A 91 -8.48 5.52 22.44
CA GLU A 91 -9.48 4.55 22.88
C GLU A 91 -10.28 3.89 21.75
N MET A 92 -10.15 4.41 20.53
CA MET A 92 -10.78 3.79 19.39
C MET A 92 -10.21 2.37 19.20
N ASP A 93 -11.08 1.47 18.75
CA ASP A 93 -10.72 0.08 18.47
C ASP A 93 -10.23 -0.01 17.03
N ILE A 94 -9.36 -0.98 16.78
CA ILE A 94 -8.89 -1.31 15.43
C ILE A 94 -9.13 -2.79 15.23
N LEU A 95 -9.75 -3.10 14.10
CA LEU A 95 -10.04 -4.46 13.67
C LEU A 95 -9.31 -4.69 12.36
N ILE A 96 -8.39 -5.66 12.35
CA ILE A 96 -7.49 -5.90 11.22
C ILE A 96 -7.89 -7.23 10.61
N VAL A 97 -8.15 -7.20 9.31
CA VAL A 97 -8.49 -8.38 8.56
C VAL A 97 -7.51 -8.60 7.40
N PRO A 98 -6.87 -9.76 7.33
CA PRO A 98 -6.00 -10.06 6.21
C PRO A 98 -6.86 -10.27 4.97
N GLN A 99 -6.58 -9.52 3.92
CA GLN A 99 -7.31 -9.61 2.66
C GLN A 99 -6.33 -9.49 1.51
N ALA A 100 -5.62 -10.59 1.26
CA ALA A 100 -4.55 -10.65 0.28
C ALA A 100 -5.10 -10.43 -1.13
N SER A 101 -6.39 -10.75 -1.30
CA SER A 101 -7.08 -10.63 -2.60
C SER A 101 -7.18 -9.20 -3.14
N LEU A 102 -6.90 -8.20 -2.29
CA LEU A 102 -6.76 -6.79 -2.69
C LEU A 102 -5.68 -6.55 -3.77
N GLY A 103 -4.74 -7.50 -3.90
CA GLY A 103 -3.71 -7.46 -4.94
C GLY A 103 -4.11 -8.12 -6.24
N GLY A 104 -5.28 -8.78 -6.26
CA GLY A 104 -5.83 -9.36 -7.47
C GLY A 104 -6.02 -8.34 -8.58
N LYS A 105 -5.76 -8.76 -9.80
CA LYS A 105 -6.03 -8.00 -11.00
C LYS A 105 -6.80 -8.84 -12.03
N VAL A 106 -7.66 -8.18 -12.78
CA VAL A 106 -8.37 -8.79 -13.90
C VAL A 106 -7.42 -9.26 -14.99
N LYS A 107 -7.60 -10.51 -15.41
CA LYS A 107 -6.89 -11.13 -16.53
C LYS A 107 -7.96 -11.83 -17.38
N GLY A 108 -8.30 -11.22 -18.51
CA GLY A 108 -9.38 -11.72 -19.35
C GLY A 108 -10.67 -11.70 -18.55
N ARG A 109 -11.23 -12.88 -18.32
CA ARG A 109 -12.46 -13.03 -17.52
C ARG A 109 -12.18 -13.75 -16.20
N SER A 110 -10.96 -13.65 -15.73
CA SER A 110 -10.58 -14.24 -14.47
C SER A 110 -9.76 -13.22 -13.66
N VAL A 111 -9.28 -13.65 -12.50
CA VAL A 111 -8.44 -12.82 -11.65
C VAL A 111 -7.11 -13.52 -11.43
N GLN A 112 -6.02 -12.77 -11.54
CA GLN A 112 -4.69 -13.27 -11.25
C GLN A 112 -4.14 -12.59 -10.01
N PHE A 113 -3.38 -13.35 -9.24
CA PHE A 113 -2.87 -12.93 -7.95
C PHE A 113 -1.33 -12.88 -7.92
N HIS A 114 -0.73 -12.61 -9.06
CA HIS A 114 0.73 -12.64 -9.20
C HIS A 114 1.45 -11.58 -8.35
N GLN A 115 0.77 -10.49 -7.98
CA GLN A 115 1.33 -9.42 -7.14
C GLN A 115 1.35 -9.80 -5.65
N LEU A 116 0.69 -10.87 -5.24
CA LEU A 116 0.60 -11.24 -3.83
C LEU A 116 1.91 -11.88 -3.37
N VAL A 117 2.43 -11.43 -2.24
CA VAL A 117 3.61 -12.09 -1.62
C VAL A 117 3.24 -13.52 -1.31
N ALA A 118 4.27 -14.38 -1.26
CA ALA A 118 4.12 -15.77 -0.86
C ALA A 118 3.46 -15.89 0.52
N LYS A 119 2.88 -17.05 0.78
CA LYS A 119 2.10 -17.31 1.97
C LYS A 119 2.89 -17.05 3.25
N ASP A 120 4.09 -17.61 3.34
CA ASP A 120 4.86 -17.54 4.59
C ASP A 120 5.45 -16.14 4.83
N VAL A 121 5.75 -15.44 3.75
CA VAL A 121 6.20 -14.07 3.80
C VAL A 121 5.07 -13.18 4.30
N GLY A 122 3.87 -13.40 3.76
CA GLY A 122 2.68 -12.66 4.14
C GLY A 122 2.26 -12.94 5.58
N ALA A 123 2.38 -14.20 6.00
CA ALA A 123 2.10 -14.58 7.38
C ALA A 123 3.02 -13.81 8.35
N ALA A 124 4.30 -13.75 8.01
CA ALA A 124 5.30 -13.08 8.85
C ALA A 124 5.07 -11.58 8.90
N LEU A 125 4.83 -10.97 7.76
CA LEU A 125 4.58 -9.53 7.70
C LEU A 125 3.29 -9.18 8.44
N TYR A 126 2.28 -10.03 8.29
CA TYR A 126 0.96 -9.79 8.90
C TYR A 126 1.06 -9.84 10.41
N ASP A 127 1.71 -10.89 10.89
CA ASP A 127 1.97 -11.04 12.30
C ASP A 127 2.76 -9.86 12.88
N ARG A 128 3.79 -9.43 12.15
CA ARG A 128 4.65 -8.33 12.60
C ARG A 128 3.89 -7.04 12.62
N PHE A 129 3.06 -6.84 11.60
CA PHE A 129 2.24 -5.65 11.49
C PHE A 129 1.20 -5.54 12.60
N CYS A 130 0.58 -6.67 12.97
CA CYS A 130 -0.39 -6.68 14.05
C CYS A 130 0.30 -6.42 15.40
N HIS A 131 1.49 -7.01 15.60
CA HIS A 131 2.30 -6.73 16.79
C HIS A 131 2.61 -5.23 16.97
N PHE A 132 3.06 -4.59 15.88
CA PHE A 132 3.41 -3.18 15.92
C PHE A 132 2.21 -2.31 16.24
N VAL A 133 1.03 -2.70 15.75
CA VAL A 133 -0.20 -1.93 16.01
C VAL A 133 -0.57 -2.08 17.49
N ARG A 134 -0.54 -3.31 17.99
CA ARG A 134 -0.79 -3.57 19.42
C ARG A 134 0.11 -2.70 20.30
N VAL A 135 1.40 -2.63 19.95
CA VAL A 135 2.38 -1.90 20.74
C VAL A 135 2.08 -0.40 20.69
N ALA A 136 1.75 0.12 19.50
CA ALA A 136 1.44 1.54 19.33
C ALA A 136 0.11 1.96 19.97
N ARG A 137 -0.72 0.99 20.29
CA ARG A 137 -2.00 1.24 20.96
C ARG A 137 -1.98 0.88 22.45
N GLY A 138 -0.82 0.46 22.95
CA GLY A 138 -0.63 0.22 24.37
C GLY A 138 -1.31 -1.04 24.86
N VAL A 139 -1.53 -1.99 23.97
CA VAL A 139 -2.17 -3.26 24.35
C VAL A 139 -1.25 -4.08 25.26
N ASP A 140 -1.83 -4.59 26.34
CA ASP A 140 -1.14 -5.52 27.24
C ASP A 140 -1.16 -6.91 26.58
N GLU A 141 -0.07 -7.23 25.89
CA GLU A 141 0.02 -8.43 25.08
C GLU A 141 0.03 -9.71 25.92
N SER A 142 0.21 -9.60 27.25
CA SER A 142 0.12 -10.76 28.16
C SER A 142 -1.32 -11.09 28.60
N ARG A 143 -2.26 -10.17 28.31
CA ARG A 143 -3.67 -10.32 28.68
C ARG A 143 -4.57 -10.67 27.49
N VAL A 144 -4.01 -10.71 26.28
CA VAL A 144 -4.79 -11.01 25.08
C VAL A 144 -4.30 -12.25 24.35
N ASP A 145 -5.17 -12.81 23.51
CA ASP A 145 -4.87 -14.02 22.76
C ASP A 145 -4.33 -13.65 21.40
N ALA A 146 -4.23 -14.64 20.52
CA ALA A 146 -3.69 -14.45 19.18
C ALA A 146 -4.47 -13.45 18.31
N ASN A 147 -5.76 -13.31 18.57
CA ASN A 147 -6.61 -12.36 17.84
C ASN A 147 -6.84 -11.02 18.57
N GLY A 148 -6.17 -10.84 19.70
CA GLY A 148 -6.23 -9.59 20.45
C GLY A 148 -7.39 -9.51 21.42
N ALA A 149 -8.16 -10.59 21.54
CA ALA A 149 -9.29 -10.64 22.45
C ALA A 149 -8.77 -11.06 23.84
N PRO A 150 -9.55 -10.87 24.90
CA PRO A 150 -9.09 -11.30 26.24
C PRO A 150 -8.74 -12.79 26.36
N ARG A 151 -7.65 -13.05 27.12
CA ARG A 151 -7.17 -14.40 27.45
C ARG A 151 -8.13 -15.11 28.39
N SER A 152 -8.72 -14.37 29.32
CA SER A 152 -9.83 -14.89 30.12
C SER A 152 -11.13 -14.67 29.35
N GLU A 153 -11.81 -15.77 29.02
CA GLU A 153 -13.10 -15.71 28.33
C GLU A 153 -14.17 -14.91 29.10
N GLY A 154 -13.99 -14.79 30.41
CA GLY A 154 -14.90 -14.03 31.27
C GLY A 154 -14.73 -12.53 31.17
N ASP A 155 -13.59 -12.07 30.66
CA ASP A 155 -13.38 -10.64 30.34
C ASP A 155 -13.82 -10.26 28.92
N ALA A 156 -14.16 -11.24 28.09
CA ALA A 156 -14.58 -10.94 26.72
C ALA A 156 -15.87 -10.11 26.77
N PRO A 157 -16.03 -9.17 25.84
CA PRO A 157 -17.29 -8.45 25.70
C PRO A 157 -18.49 -9.41 25.58
N LYS A 158 -19.68 -8.93 25.91
CA LYS A 158 -20.89 -9.73 25.69
C LYS A 158 -21.04 -10.02 24.19
N ALA A 159 -21.67 -11.15 23.89
CA ALA A 159 -21.72 -11.69 22.54
C ALA A 159 -22.62 -10.89 21.60
N GLU A 160 -23.67 -10.26 22.14
CA GLU A 160 -24.64 -9.50 21.35
C GLU A 160 -24.93 -8.13 21.99
N GLY A 161 -25.48 -7.19 21.21
CA GLY A 161 -25.81 -5.87 21.74
C GLY A 161 -24.60 -4.96 21.65
N TRP A 162 -24.85 -3.66 21.58
CA TRP A 162 -23.80 -2.65 21.41
C TRP A 162 -22.75 -2.76 22.50
N ILE A 163 -21.47 -2.64 22.09
CA ILE A 163 -20.36 -2.50 23.05
C ILE A 163 -19.56 -1.26 22.76
N LYS A 164 -19.02 -0.71 23.86
CA LYS A 164 -18.17 0.47 23.81
C LYS A 164 -16.81 0.03 23.29
N TYR A 165 -16.15 0.93 22.57
CA TYR A 165 -14.73 0.80 22.25
C TYR A 165 -13.93 0.68 23.56
N ASN A 166 -12.71 0.14 23.48
CA ASN A 166 -11.85 -0.05 24.65
C ASN A 166 -10.38 -0.25 24.28
N SER A 167 -9.88 0.57 23.36
CA SER A 167 -8.48 0.56 22.94
C SER A 167 -8.04 -0.80 22.43
N ARG A 168 -8.93 -1.50 21.71
CA ARG A 168 -8.64 -2.86 21.25
C ARG A 168 -7.87 -2.87 19.95
N VAL A 169 -7.07 -3.91 19.77
CA VAL A 169 -6.47 -4.22 18.47
C VAL A 169 -6.81 -5.70 18.24
N ILE A 170 -7.90 -5.90 17.49
CA ILE A 170 -8.41 -7.21 17.13
C ILE A 170 -7.91 -7.53 15.76
N SER A 171 -7.50 -8.78 15.54
CA SER A 171 -6.96 -9.21 14.27
C SER A 171 -7.42 -10.62 13.90
N GLY A 172 -7.65 -10.82 12.60
CA GLY A 172 -8.04 -12.10 12.07
C GLY A 172 -6.95 -13.14 12.18
N THR A 173 -7.37 -14.40 12.18
CA THR A 173 -6.46 -15.53 12.16
C THR A 173 -5.99 -15.66 10.73
N PHE A 174 -4.68 -15.51 10.51
CA PHE A 174 -4.12 -15.60 9.17
C PHE A 174 -4.43 -16.94 8.53
N GLY A 175 -4.86 -16.91 7.27
CA GLY A 175 -5.14 -18.13 6.50
C GLY A 175 -6.54 -18.65 6.73
N ASN A 176 -7.29 -18.08 7.71
CA ASN A 176 -8.67 -18.50 7.93
C ASN A 176 -9.63 -17.75 7.03
N ARG A 177 -10.86 -18.26 6.96
CA ARG A 177 -11.98 -17.59 6.30
C ARG A 177 -12.46 -16.49 7.25
N GLN A 178 -12.54 -15.26 6.74
CA GLN A 178 -12.77 -14.07 7.56
C GLN A 178 -14.27 -13.71 7.60
N GLY A 179 -15.04 -14.61 8.18
CA GLY A 179 -16.45 -14.33 8.44
C GLY A 179 -16.61 -13.01 9.19
N LEU A 180 -17.55 -12.20 8.77
CA LEU A 180 -17.63 -10.81 9.22
C LEU A 180 -19.07 -10.33 9.41
N ARG A 181 -19.29 -9.61 10.51
CA ARG A 181 -20.45 -8.74 10.63
C ARG A 181 -19.92 -7.34 10.95
N PHE A 182 -20.37 -6.36 10.17
CA PHE A 182 -19.80 -5.01 10.22
C PHE A 182 -20.94 -3.99 10.21
N GLU A 183 -20.89 -3.03 11.16
CA GLU A 183 -21.86 -1.93 11.22
C GLU A 183 -21.09 -0.61 11.17
N SER A 184 -21.61 0.32 10.39
CA SER A 184 -20.97 1.61 10.20
C SER A 184 -22.02 2.67 10.02
N GLU A 185 -21.75 3.85 10.56
CA GLU A 185 -22.56 5.04 10.28
C GLU A 185 -22.17 5.69 8.93
N GLY A 186 -21.22 5.11 8.20
CA GLY A 186 -20.78 5.67 6.92
C GLY A 186 -19.32 5.25 6.79
N PRO A 187 -19.02 4.21 6.01
CA PRO A 187 -17.66 3.67 5.97
C PRO A 187 -16.58 4.67 5.55
N PHE A 188 -16.88 5.66 4.71
CA PHE A 188 -15.88 6.66 4.30
C PHE A 188 -14.58 5.99 3.90
N THR A 189 -14.72 5.00 3.01
CA THR A 189 -13.66 4.07 2.75
C THR A 189 -12.46 4.74 2.11
N HIS A 190 -11.28 4.50 2.68
CA HIS A 190 -10.04 4.93 2.04
C HIS A 190 -9.26 3.69 1.59
N MET A 191 -8.45 3.91 0.56
CA MET A 191 -7.55 2.92 -0.01
C MET A 191 -6.18 3.55 -0.15
N PHE A 192 -5.19 3.10 0.64
CA PHE A 192 -3.83 3.59 0.56
C PHE A 192 -2.87 2.51 0.14
N ASP A 193 -2.02 2.81 -0.83
CA ASP A 193 -0.80 2.05 -1.06
C ASP A 193 0.36 2.72 -0.37
N ILE A 194 1.02 1.95 0.48
CA ILE A 194 2.10 2.48 1.31
C ILE A 194 3.43 1.82 0.92
N HIS B 8 -6.24 9.55 -19.05
CA HIS B 8 -7.53 8.80 -18.88
C HIS B 8 -8.07 8.85 -17.44
N MET B 9 -9.39 8.71 -17.34
CA MET B 9 -10.06 8.58 -16.05
C MET B 9 -10.19 7.11 -15.59
N THR B 10 -10.38 6.92 -14.28
CA THR B 10 -10.45 5.61 -13.66
C THR B 10 -11.74 5.40 -12.86
N ILE B 11 -12.32 4.22 -13.02
CA ILE B 11 -13.42 3.77 -12.18
C ILE B 11 -12.77 2.81 -11.18
N ARG B 12 -12.62 3.26 -9.95
CA ARG B 12 -12.11 2.37 -8.90
C ARG B 12 -13.28 1.69 -8.23
N VAL B 13 -13.22 0.37 -8.14
CA VAL B 13 -14.21 -0.36 -7.34
C VAL B 13 -13.59 -1.31 -6.32
N MET B 14 -14.21 -1.37 -5.14
N MET B 14 -14.18 -1.34 -5.12
CA MET B 14 -13.89 -2.38 -4.14
CA MET B 14 -13.90 -2.38 -4.15
C MET B 14 -15.08 -3.33 -4.07
C MET B 14 -15.09 -3.33 -4.19
N LEU B 15 -14.81 -4.63 -4.22
CA LEU B 15 -15.84 -5.64 -4.37
C LEU B 15 -15.72 -6.63 -3.24
N GLN B 16 -16.84 -6.89 -2.55
CA GLN B 16 -16.85 -7.83 -1.41
C GLN B 16 -17.98 -8.84 -1.57
N ALA B 17 -17.68 -10.08 -1.20
CA ALA B 17 -18.67 -11.15 -1.13
C ALA B 17 -19.71 -10.83 -0.04
N MET B 18 -20.92 -10.61 -0.49
CA MET B 18 -22.04 -10.25 0.39
C MET B 18 -22.89 -11.47 0.67
N ASP B 19 -23.26 -11.66 1.92
CA ASP B 19 -24.34 -12.58 2.27
C ASP B 19 -25.65 -11.80 2.49
N GLN B 20 -25.57 -10.76 3.33
CA GLN B 20 -26.68 -9.86 3.57
C GLN B 20 -26.18 -8.42 3.68
N GLY B 21 -26.99 -7.48 3.22
CA GLY B 21 -26.70 -6.08 3.42
C GLY B 21 -27.93 -5.22 3.68
N HIS B 22 -27.70 -4.20 4.48
CA HIS B 22 -28.67 -3.13 4.76
C HIS B 22 -27.99 -1.78 4.50
N LEU B 23 -28.60 -0.95 3.67
CA LEU B 23 -28.04 0.35 3.33
C LEU B 23 -29.02 1.48 3.62
N LEU B 24 -28.56 2.46 4.38
CA LEU B 24 -29.36 3.61 4.76
C LEU B 24 -29.48 4.57 3.57
N VAL B 25 -30.72 4.88 3.19
CA VAL B 25 -30.97 5.67 1.97
C VAL B 25 -31.55 7.08 2.20
N ASN B 26 -32.01 7.40 3.42
CA ASN B 26 -32.61 8.73 3.70
C ASN B 26 -31.89 9.56 4.78
N ASN B 27 -30.68 9.16 5.13
CA ASN B 27 -29.86 9.82 6.16
C ASN B 27 -30.40 9.67 7.60
N VAL B 28 -31.48 8.91 7.77
CA VAL B 28 -32.15 8.84 9.06
C VAL B 28 -32.30 7.38 9.48
N ASP B 29 -33.34 6.69 9.01
CA ASP B 29 -33.63 5.34 9.50
C ASP B 29 -34.22 4.33 8.49
N LYS B 30 -34.32 4.73 7.24
CA LYS B 30 -34.82 3.87 6.17
C LYS B 30 -33.63 3.09 5.56
N TYR B 31 -33.67 1.77 5.70
CA TYR B 31 -32.73 0.87 5.10
C TYR B 31 -33.36 0.05 3.99
N VAL B 32 -32.61 -0.11 2.89
CA VAL B 32 -32.96 -1.04 1.83
C VAL B 32 -32.03 -2.26 1.91
N ARG B 33 -32.55 -3.40 1.49
CA ARG B 33 -31.91 -4.67 1.76
C ARG B 33 -31.47 -5.41 0.52
N ALA B 34 -30.33 -6.08 0.65
CA ALA B 34 -29.89 -7.07 -0.32
C ALA B 34 -29.54 -8.39 0.36
N GLY B 35 -29.70 -9.48 -0.38
CA GLY B 35 -29.25 -10.79 0.07
C GLY B 35 -27.90 -11.13 -0.52
N ARG B 36 -27.69 -12.42 -0.81
CA ARG B 36 -26.39 -12.89 -1.26
C ARG B 36 -26.03 -12.31 -2.61
N GLY B 37 -24.76 -11.93 -2.72
CA GLY B 37 -24.24 -11.40 -3.97
C GLY B 37 -22.95 -10.64 -3.75
N VAL B 38 -22.86 -9.48 -4.39
CA VAL B 38 -21.67 -8.64 -4.28
C VAL B 38 -22.02 -7.21 -3.83
N MET B 39 -21.25 -6.70 -2.85
CA MET B 39 -21.28 -5.28 -2.49
C MET B 39 -20.13 -4.56 -3.16
N VAL B 40 -20.49 -3.49 -3.87
CA VAL B 40 -19.61 -2.72 -4.72
C VAL B 40 -19.49 -1.33 -4.14
N TYR B 41 -18.28 -0.90 -3.77
CA TYR B 41 -17.95 0.49 -3.49
C TYR B 41 -17.35 1.11 -4.74
N ILE B 42 -17.81 2.29 -5.14
CA ILE B 42 -17.37 2.88 -6.41
C ILE B 42 -16.94 4.36 -6.28
N ALA B 43 -15.85 4.70 -6.96
CA ALA B 43 -15.37 6.06 -7.05
C ALA B 43 -14.96 6.30 -8.48
N PHE B 44 -15.13 7.53 -8.92
CA PHE B 44 -14.75 7.98 -10.22
C PHE B 44 -13.63 9.00 -10.05
N LEU B 45 -12.50 8.72 -10.71
CA LEU B 45 -11.25 9.42 -10.48
C LEU B 45 -10.73 10.00 -11.77
N SER B 46 -9.89 11.01 -11.64
CA SER B 46 -9.47 11.79 -12.78
C SER B 46 -8.14 12.52 -12.56
N ASP B 47 -7.36 12.63 -13.64
CA ASP B 47 -6.27 13.61 -13.73
C ASP B 47 -6.88 14.95 -14.16
N ARG B 48 -6.13 16.04 -13.97
CA ARG B 48 -6.51 17.34 -14.49
C ARG B 48 -6.68 17.31 -16.00
N ASP B 49 -5.82 16.55 -16.69
CA ASP B 49 -5.83 16.49 -18.16
C ASP B 49 -6.32 15.16 -18.71
N SER B 50 -7.24 14.49 -17.99
CA SER B 50 -7.80 13.21 -18.43
C SER B 50 -9.12 13.42 -19.20
N ALA B 51 -9.36 12.59 -20.22
CA ALA B 51 -10.62 12.61 -20.97
C ALA B 51 -11.80 12.08 -20.16
N PRO B 52 -13.01 12.60 -20.43
CA PRO B 52 -14.21 12.19 -19.67
C PRO B 52 -14.70 10.78 -19.99
N ILE B 53 -15.26 10.09 -19.00
CA ILE B 53 -15.72 8.72 -19.18
C ILE B 53 -16.96 8.73 -20.09
N THR B 54 -16.89 8.01 -21.20
CA THR B 54 -18.02 7.91 -22.12
C THR B 54 -18.97 6.80 -21.67
N ASP B 55 -20.04 6.61 -22.42
CA ASP B 55 -20.98 5.51 -22.18
C ASP B 55 -20.38 4.15 -22.52
N GLU B 56 -19.52 4.10 -23.53
CA GLU B 56 -18.91 2.82 -23.93
C GLU B 56 -17.90 2.36 -22.87
N ALA B 57 -17.17 3.32 -22.30
CA ALA B 57 -16.30 3.05 -21.17
C ALA B 57 -17.05 2.71 -19.85
N LEU B 58 -18.21 3.32 -19.61
CA LEU B 58 -19.02 2.94 -18.43
C LEU B 58 -19.50 1.50 -18.58
N ARG B 59 -20.00 1.18 -19.78
CA ARG B 59 -20.51 -0.16 -20.07
C ARG B 59 -19.41 -1.21 -20.02
N HIS B 60 -18.23 -0.82 -20.47
CA HIS B 60 -17.05 -1.65 -20.37
C HIS B 60 -16.77 -2.00 -18.91
N ALA B 61 -16.90 -1.01 -18.05
CA ALA B 61 -16.66 -1.21 -16.64
C ALA B 61 -17.71 -2.12 -16.02
N VAL B 62 -18.95 -2.03 -16.49
CA VAL B 62 -20.00 -2.90 -16.00
C VAL B 62 -19.68 -4.34 -16.45
N GLY B 63 -19.19 -4.50 -17.68
CA GLY B 63 -18.79 -5.79 -18.19
C GLY B 63 -17.70 -6.45 -17.36
N VAL B 64 -16.75 -5.65 -16.90
CA VAL B 64 -15.70 -6.17 -16.02
C VAL B 64 -16.31 -6.67 -14.72
N LEU B 65 -17.20 -5.86 -14.13
CA LEU B 65 -17.87 -6.25 -12.90
C LEU B 65 -18.70 -7.54 -13.05
N LEU B 66 -19.37 -7.72 -14.18
CA LEU B 66 -20.31 -8.85 -14.34
C LEU B 66 -19.75 -10.10 -15.02
N HIS B 67 -18.77 -9.93 -15.90
CA HIS B 67 -18.20 -11.02 -16.70
C HIS B 67 -17.01 -11.70 -16.06
N THR B 68 -16.30 -11.00 -15.19
CA THR B 68 -15.11 -11.57 -14.56
C THR B 68 -15.54 -12.58 -13.51
N LYS B 69 -14.90 -13.74 -13.51
CA LYS B 69 -15.12 -14.77 -12.48
C LYS B 69 -14.27 -14.37 -11.29
N ILE B 70 -14.93 -13.92 -10.23
CA ILE B 70 -14.23 -13.41 -9.05
C ILE B 70 -14.54 -14.23 -7.82
N PHE B 71 -15.82 -14.32 -7.48
CA PHE B 71 -16.26 -14.85 -6.20
C PHE B 71 -16.66 -16.33 -6.21
N THR B 72 -16.48 -16.97 -5.05
CA THR B 72 -16.65 -18.42 -4.85
C THR B 72 -17.85 -18.80 -3.96
N HIS B 73 -18.62 -17.80 -3.53
CA HIS B 73 -19.66 -18.01 -2.51
C HIS B 73 -21.12 -18.01 -3.08
N PHE B 74 -21.27 -17.82 -4.38
CA PHE B 74 -22.61 -17.72 -5.00
C PHE B 74 -23.43 -19.00 -4.96
N SER B 75 -22.76 -20.13 -5.11
CA SER B 75 -23.42 -21.41 -5.34
C SER B 75 -22.98 -22.46 -4.33
N PRO B 76 -23.44 -22.35 -3.09
CA PRO B 76 -23.07 -23.31 -2.03
C PRO B 76 -23.40 -24.78 -2.34
N GLU B 77 -24.34 -25.02 -3.25
CA GLU B 77 -24.70 -26.35 -3.74
C GLU B 77 -23.67 -27.03 -4.69
N LYS B 78 -22.64 -26.30 -5.09
CA LYS B 78 -21.64 -26.80 -6.04
C LYS B 78 -20.72 -27.75 -5.27
N MET B 79 -20.49 -28.92 -5.86
CA MET B 79 -19.59 -29.91 -5.32
C MET B 79 -18.18 -29.34 -5.21
N ILE B 80 -17.72 -28.72 -6.29
CA ILE B 80 -16.40 -28.05 -6.31
C ILE B 80 -16.58 -26.55 -6.55
N ASN B 81 -16.21 -25.71 -5.58
CA ASN B 81 -16.39 -24.26 -5.76
C ASN B 81 -15.26 -23.67 -6.59
N GLN B 82 -15.63 -22.99 -7.68
CA GLN B 82 -14.69 -22.22 -8.50
C GLN B 82 -15.19 -20.76 -8.49
N PRO B 83 -14.31 -19.80 -8.77
CA PRO B 83 -14.78 -18.43 -9.02
C PRO B 83 -15.83 -18.42 -10.14
N GLN B 84 -16.86 -17.60 -9.97
CA GLN B 84 -17.95 -17.49 -10.93
C GLN B 84 -18.18 -16.03 -11.20
N SER B 85 -18.69 -15.74 -12.38
CA SER B 85 -19.12 -14.39 -12.68
C SER B 85 -20.55 -14.13 -12.19
N LEU B 86 -20.83 -12.89 -11.90
CA LEU B 86 -22.20 -12.45 -11.66
C LEU B 86 -23.07 -12.79 -12.88
N GLU B 87 -22.53 -12.66 -14.08
CA GLU B 87 -23.28 -12.97 -15.29
C GLU B 87 -23.85 -14.39 -15.29
N GLU B 88 -23.05 -15.37 -14.88
CA GLU B 88 -23.50 -16.77 -14.89
C GLU B 88 -24.36 -17.11 -13.68
N CYS B 89 -24.49 -16.16 -12.74
CA CYS B 89 -25.39 -16.30 -11.61
C CYS B 89 -26.38 -15.10 -11.56
N PRO B 90 -27.34 -15.07 -12.49
CA PRO B 90 -28.27 -13.92 -12.64
C PRO B 90 -29.12 -13.55 -11.41
N GLU B 91 -29.29 -14.46 -10.46
CA GLU B 91 -30.13 -14.22 -9.29
C GLU B 91 -29.41 -13.58 -8.13
N MET B 92 -28.08 -13.51 -8.15
CA MET B 92 -27.33 -12.85 -7.09
C MET B 92 -27.71 -11.38 -7.07
N ASP B 93 -27.68 -10.81 -5.88
CA ASP B 93 -27.95 -9.40 -5.64
C ASP B 93 -26.66 -8.60 -5.75
N ILE B 94 -26.82 -7.34 -6.14
CA ILE B 94 -25.72 -6.37 -6.19
C ILE B 94 -26.14 -5.15 -5.38
N LEU B 95 -25.27 -4.74 -4.46
CA LEU B 95 -25.45 -3.57 -3.59
C LEU B 95 -24.34 -2.59 -3.92
N ILE B 96 -24.69 -1.42 -4.44
CA ILE B 96 -23.72 -0.44 -4.94
C ILE B 96 -23.72 0.75 -3.98
N VAL B 97 -22.53 1.08 -3.48
CA VAL B 97 -22.38 2.18 -2.53
C VAL B 97 -21.38 3.18 -3.12
N PRO B 98 -21.78 4.43 -3.26
CA PRO B 98 -20.85 5.46 -3.72
C PRO B 98 -19.83 5.75 -2.61
N GLN B 99 -18.54 5.63 -2.93
CA GLN B 99 -17.46 5.83 -1.97
C GLN B 99 -16.34 6.56 -2.65
N ALA B 100 -16.53 7.88 -2.84
CA ALA B 100 -15.61 8.70 -3.61
C ALA B 100 -14.26 8.80 -2.90
N SER B 101 -14.30 8.59 -1.58
CA SER B 101 -13.13 8.66 -0.72
C SER B 101 -12.04 7.64 -1.06
N LEU B 102 -12.39 6.62 -1.85
CA LEU B 102 -11.42 5.64 -2.37
C LEU B 102 -10.29 6.26 -3.21
N GLY B 103 -10.52 7.48 -3.70
CA GLY B 103 -9.51 8.23 -4.43
C GLY B 103 -8.62 9.08 -3.56
N GLY B 104 -8.93 9.17 -2.26
CA GLY B 104 -8.09 9.87 -1.30
C GLY B 104 -6.66 9.35 -1.28
N LYS B 105 -5.70 10.27 -1.14
CA LYS B 105 -4.30 9.93 -0.90
C LYS B 105 -3.75 10.70 0.32
N VAL B 106 -2.83 10.07 1.03
CA VAL B 106 -2.11 10.69 2.12
C VAL B 106 -1.25 11.85 1.65
N LYS B 107 -1.36 12.98 2.36
CA LYS B 107 -0.58 14.18 2.17
C LYS B 107 -0.15 14.64 3.56
N GLY B 108 1.11 14.41 3.89
CA GLY B 108 1.63 14.66 5.23
C GLY B 108 0.84 13.83 6.23
N ARG B 109 0.13 14.51 7.12
CA ARG B 109 -0.73 13.84 8.11
C ARG B 109 -2.22 14.06 7.84
N SER B 110 -2.56 14.33 6.58
CA SER B 110 -3.94 14.49 6.18
C SER B 110 -4.20 13.70 4.91
N VAL B 111 -5.42 13.82 4.41
CA VAL B 111 -5.85 13.18 3.17
C VAL B 111 -6.26 14.27 2.16
N GLN B 112 -5.78 14.14 0.93
CA GLN B 112 -6.19 15.01 -0.16
C GLN B 112 -7.02 14.21 -1.15
N PHE B 113 -8.02 14.87 -1.72
CA PHE B 113 -8.98 14.27 -2.61
C PHE B 113 -8.94 14.85 -4.03
N HIS B 114 -7.76 15.29 -4.44
CA HIS B 114 -7.57 15.97 -5.72
C HIS B 114 -7.87 15.05 -6.93
N GLN B 115 -7.79 13.72 -6.77
CA GLN B 115 -8.10 12.77 -7.85
C GLN B 115 -9.62 12.56 -8.06
N LEU B 116 -10.46 13.05 -7.15
CA LEU B 116 -11.91 12.81 -7.24
C LEU B 116 -12.53 13.72 -8.28
N VAL B 117 -13.35 13.14 -9.17
CA VAL B 117 -14.13 13.98 -10.12
C VAL B 117 -15.03 14.90 -9.32
N ALA B 118 -15.39 16.01 -9.94
CA ALA B 118 -16.33 16.96 -9.41
C ALA B 118 -17.66 16.29 -9.06
N LYS B 119 -18.40 16.94 -8.18
CA LYS B 119 -19.62 16.40 -7.62
C LYS B 119 -20.67 16.06 -8.68
N ASP B 120 -20.92 16.98 -9.58
CA ASP B 120 -21.98 16.80 -10.57
C ASP B 120 -21.58 15.78 -11.66
N VAL B 121 -20.30 15.70 -11.96
CA VAL B 121 -19.76 14.73 -12.89
C VAL B 121 -19.92 13.33 -12.29
N GLY B 122 -19.55 13.21 -11.01
CA GLY B 122 -19.66 11.96 -10.28
C GLY B 122 -21.09 11.51 -10.09
N ALA B 123 -21.98 12.45 -9.79
CA ALA B 123 -23.41 12.17 -9.69
C ALA B 123 -23.94 11.55 -10.98
N ALA B 124 -23.54 12.13 -12.10
CA ALA B 124 -23.97 11.71 -13.46
C ALA B 124 -23.40 10.33 -13.82
N LEU B 125 -22.12 10.13 -13.55
CA LEU B 125 -21.49 8.84 -13.84
C LEU B 125 -22.06 7.74 -12.93
N TYR B 126 -22.32 8.09 -11.67
CA TYR B 126 -22.87 7.15 -10.69
C TYR B 126 -24.28 6.69 -11.08
N ASP B 127 -25.11 7.66 -11.42
CA ASP B 127 -26.46 7.39 -11.90
C ASP B 127 -26.46 6.51 -13.16
N ARG B 128 -25.60 6.85 -14.10
CA ARG B 128 -25.51 6.12 -15.37
C ARG B 128 -25.00 4.70 -15.14
N PHE B 129 -24.02 4.57 -14.24
CA PHE B 129 -23.46 3.28 -13.89
C PHE B 129 -24.48 2.36 -13.21
N CYS B 130 -25.30 2.91 -12.31
CA CYS B 130 -26.32 2.11 -11.64
C CYS B 130 -27.42 1.68 -12.64
N HIS B 131 -27.80 2.60 -13.54
CA HIS B 131 -28.72 2.30 -14.63
C HIS B 131 -28.25 1.10 -15.52
N PHE B 132 -26.99 1.13 -15.95
CA PHE B 132 -26.42 0.10 -16.80
C PHE B 132 -26.37 -1.22 -16.06
N VAL B 133 -26.13 -1.20 -14.75
CA VAL B 133 -26.10 -2.44 -13.98
C VAL B 133 -27.53 -3.03 -13.89
N ARG B 134 -28.50 -2.19 -13.56
CA ARG B 134 -29.91 -2.59 -13.54
C ARG B 134 -30.31 -3.28 -14.85
N VAL B 135 -29.94 -2.65 -15.96
CA VAL B 135 -30.29 -3.12 -17.30
C VAL B 135 -29.66 -4.49 -17.55
N ALA B 136 -28.38 -4.63 -17.20
CA ALA B 136 -27.65 -5.89 -17.39
C ALA B 136 -28.13 -7.02 -16.46
N ARG B 137 -28.84 -6.66 -15.41
CA ARG B 137 -29.42 -7.65 -14.50
C ARG B 137 -30.92 -7.88 -14.71
N GLY B 138 -31.50 -7.21 -15.72
CA GLY B 138 -32.88 -7.42 -16.08
C GLY B 138 -33.88 -6.84 -15.11
N VAL B 139 -33.46 -5.83 -14.35
CA VAL B 139 -34.35 -5.17 -13.39
C VAL B 139 -35.48 -4.44 -14.13
N ASP B 140 -36.71 -4.65 -13.68
CA ASP B 140 -37.87 -3.90 -14.14
C ASP B 140 -37.82 -2.53 -13.48
N GLU B 141 -37.31 -1.56 -14.22
CA GLU B 141 -37.07 -0.22 -13.71
C GLU B 141 -38.37 0.53 -13.41
N SER B 142 -39.52 0.04 -13.88
CA SER B 142 -40.83 0.64 -13.57
C SER B 142 -41.42 0.18 -12.24
N ARG B 143 -40.84 -0.87 -11.65
CA ARG B 143 -41.31 -1.43 -10.38
C ARG B 143 -40.36 -1.13 -9.20
N VAL B 144 -39.25 -0.43 -9.46
CA VAL B 144 -38.30 -0.05 -8.40
C VAL B 144 -38.16 1.45 -8.22
N ASP B 145 -37.68 1.86 -7.04
CA ASP B 145 -37.49 3.27 -6.73
C ASP B 145 -36.06 3.68 -7.05
N ALA B 146 -35.65 4.86 -6.61
CA ALA B 146 -34.32 5.41 -6.90
C ALA B 146 -33.16 4.57 -6.38
N ASN B 147 -33.41 3.83 -5.30
CA ASN B 147 -32.40 2.92 -4.73
C ASN B 147 -32.53 1.46 -5.19
N GLY B 148 -33.45 1.19 -6.10
CA GLY B 148 -33.65 -0.14 -6.65
C GLY B 148 -34.50 -1.06 -5.80
N ALA B 149 -35.10 -0.51 -4.74
CA ALA B 149 -36.00 -1.27 -3.87
C ALA B 149 -37.41 -1.22 -4.49
N PRO B 150 -38.33 -2.08 -4.08
CA PRO B 150 -39.71 -2.01 -4.58
C PRO B 150 -40.41 -0.67 -4.45
N ARG B 151 -41.10 -0.28 -5.54
CA ARG B 151 -41.91 0.93 -5.61
C ARG B 151 -43.15 0.79 -4.70
N SER B 152 -43.71 -0.41 -4.62
CA SER B 152 -44.74 -0.69 -3.59
C SER B 152 -44.01 -1.17 -2.32
N GLU B 153 -44.19 -0.42 -1.23
CA GLU B 153 -43.58 -0.75 0.07
C GLU B 153 -43.99 -2.14 0.60
N GLY B 154 -45.13 -2.64 0.11
CA GLY B 154 -45.62 -3.97 0.49
C GLY B 154 -44.88 -5.12 -0.17
N ASP B 155 -44.18 -4.86 -1.27
CA ASP B 155 -43.30 -5.85 -1.90
C ASP B 155 -41.88 -5.82 -1.37
N ALA B 156 -41.55 -4.84 -0.52
CA ALA B 156 -40.21 -4.76 0.06
C ALA B 156 -39.96 -6.00 0.92
N PRO B 157 -38.73 -6.49 0.94
CA PRO B 157 -38.35 -7.57 1.86
C PRO B 157 -38.69 -7.22 3.30
N LYS B 158 -38.86 -8.24 4.14
CA LYS B 158 -39.02 -8.04 5.57
C LYS B 158 -37.82 -7.28 6.12
N ALA B 159 -38.06 -6.50 7.18
CA ALA B 159 -37.05 -5.58 7.70
C ALA B 159 -35.92 -6.27 8.45
N GLU B 160 -36.21 -7.43 9.06
CA GLU B 160 -35.22 -8.19 9.86
C GLU B 160 -35.20 -9.68 9.47
N GLY B 161 -34.11 -10.39 9.84
CA GLY B 161 -34.03 -11.82 9.58
C GLY B 161 -33.56 -12.06 8.15
N TRP B 162 -32.97 -13.24 7.94
CA TRP B 162 -32.36 -13.59 6.66
C TRP B 162 -33.35 -13.45 5.51
N ILE B 163 -32.89 -12.88 4.39
CA ILE B 163 -33.66 -12.87 3.15
C ILE B 163 -32.86 -13.46 2.00
N LYS B 164 -33.59 -14.09 1.09
CA LYS B 164 -33.02 -14.71 -0.08
C LYS B 164 -32.65 -13.59 -1.05
N TYR B 165 -31.59 -13.81 -1.81
CA TYR B 165 -31.30 -13.02 -3.00
C TYR B 165 -32.50 -13.07 -3.96
N ASN B 166 -32.59 -12.09 -4.85
CA ASN B 166 -33.71 -11.99 -5.79
C ASN B 166 -33.43 -11.06 -6.98
N SER B 167 -32.23 -11.21 -7.55
CA SER B 167 -31.79 -10.47 -8.73
C SER B 167 -31.86 -8.96 -8.55
N ARG B 168 -31.52 -8.49 -7.35
CA ARG B 168 -31.64 -7.06 -7.02
C ARG B 168 -30.42 -6.27 -7.44
N VAL B 169 -30.65 -5.00 -7.78
CA VAL B 169 -29.59 -4.04 -7.94
C VAL B 169 -30.01 -2.86 -7.05
N ILE B 170 -29.45 -2.86 -5.84
CA ILE B 170 -29.67 -1.87 -4.83
C ILE B 170 -28.51 -0.88 -4.88
N SER B 171 -28.82 0.40 -4.76
CA SER B 171 -27.81 1.46 -4.84
C SER B 171 -28.11 2.60 -3.84
N GLY B 172 -27.05 3.10 -3.24
CA GLY B 172 -27.14 4.20 -2.30
C GLY B 172 -27.58 5.47 -2.97
N THR B 173 -28.11 6.37 -2.15
CA THR B 173 -28.50 7.71 -2.57
C THR B 173 -27.23 8.52 -2.64
N PHE B 174 -26.91 9.00 -3.84
CA PHE B 174 -25.70 9.79 -4.04
C PHE B 174 -25.72 11.03 -3.17
N GLY B 175 -24.60 11.29 -2.51
CA GLY B 175 -24.45 12.45 -1.67
C GLY B 175 -24.95 12.25 -0.24
N ASN B 176 -25.58 11.10 0.04
CA ASN B 176 -25.99 10.80 1.40
C ASN B 176 -24.88 10.08 2.18
N ARG B 177 -25.09 10.04 3.49
CA ARG B 177 -24.30 9.22 4.39
C ARG B 177 -24.73 7.76 4.26
N GLN B 178 -23.75 6.90 4.02
CA GLN B 178 -23.98 5.51 3.61
C GLN B 178 -23.95 4.57 4.83
N GLY B 179 -24.90 4.80 5.75
CA GLY B 179 -25.11 3.90 6.87
C GLY B 179 -25.25 2.46 6.38
N LEU B 180 -24.54 1.55 7.02
CA LEU B 180 -24.38 0.19 6.51
C LEU B 180 -24.42 -0.86 7.59
N ARG B 181 -25.15 -1.96 7.33
CA ARG B 181 -24.95 -3.22 8.04
C ARG B 181 -24.62 -4.30 6.99
N PHE B 182 -23.52 -5.00 7.21
CA PHE B 182 -22.95 -5.90 6.21
C PHE B 182 -22.58 -7.24 6.86
N GLU B 183 -23.05 -8.34 6.27
CA GLU B 183 -22.69 -9.69 6.71
C GLU B 183 -22.08 -10.45 5.56
N SER B 184 -20.98 -11.15 5.85
CA SER B 184 -20.26 -11.89 4.85
C SER B 184 -19.71 -13.17 5.46
N GLU B 185 -19.68 -14.24 4.67
CA GLU B 185 -18.98 -15.47 5.06
C GLU B 185 -17.45 -15.36 4.78
N GLY B 186 -16.98 -14.23 4.27
CA GLY B 186 -15.59 -14.06 3.90
C GLY B 186 -15.55 -13.10 2.75
N PRO B 187 -15.25 -11.81 3.00
CA PRO B 187 -15.42 -10.78 1.97
C PRO B 187 -14.60 -10.99 0.73
N PHE B 188 -13.44 -11.65 0.81
CA PHE B 188 -12.63 -11.93 -0.40
C PHE B 188 -12.47 -10.69 -1.26
N THR B 189 -12.07 -9.60 -0.61
CA THR B 189 -12.15 -8.28 -1.18
C THR B 189 -11.21 -8.12 -2.35
N HIS B 190 -11.77 -7.63 -3.45
CA HIS B 190 -10.98 -7.23 -4.59
C HIS B 190 -11.06 -5.70 -4.75
N MET B 191 -10.02 -5.18 -5.36
CA MET B 191 -9.89 -3.76 -5.72
C MET B 191 -9.44 -3.71 -7.17
N PHE B 192 -10.29 -3.22 -8.09
CA PHE B 192 -9.93 -3.05 -9.49
C PHE B 192 -9.97 -1.58 -9.89
N ASP B 193 -8.92 -1.10 -10.55
CA ASP B 193 -8.97 0.13 -11.30
C ASP B 193 -9.29 -0.21 -12.74
N ILE B 194 -10.36 0.37 -13.26
CA ILE B 194 -10.85 0.07 -14.60
C ILE B 194 -10.68 1.30 -15.50
N MET C 9 12.82 0.07 -52.70
CA MET C 9 12.72 0.12 -51.19
C MET C 9 13.04 -1.24 -50.54
N THR C 10 14.10 -1.25 -49.75
CA THR C 10 14.72 -2.48 -49.27
C THR C 10 14.33 -2.80 -47.82
N ILE C 11 13.95 -4.04 -47.57
CA ILE C 11 13.88 -4.56 -46.22
C ILE C 11 15.19 -5.31 -45.94
N ARG C 12 16.01 -4.75 -45.07
CA ARG C 12 17.24 -5.39 -44.65
C ARG C 12 17.03 -6.11 -43.33
N VAL C 13 17.32 -7.42 -43.33
CA VAL C 13 17.28 -8.22 -42.12
C VAL C 13 18.63 -8.90 -41.84
N MET C 14 19.03 -8.87 -40.57
N MET C 14 19.06 -8.83 -40.58
CA MET C 14 20.13 -9.68 -40.08
CA MET C 14 20.12 -9.69 -40.08
C MET C 14 19.52 -10.78 -39.21
C MET C 14 19.42 -10.79 -39.29
N LEU C 15 19.82 -12.04 -39.52
CA LEU C 15 19.19 -13.20 -38.90
C LEU C 15 20.21 -14.02 -38.14
N GLN C 16 19.94 -14.33 -36.87
CA GLN C 16 20.86 -15.13 -36.06
C GLN C 16 20.13 -16.28 -35.42
N ALA C 17 20.82 -17.41 -35.37
CA ALA C 17 20.38 -18.57 -34.60
C ALA C 17 20.38 -18.25 -33.11
N MET C 18 19.19 -18.21 -32.54
CA MET C 18 18.98 -17.89 -31.14
C MET C 18 18.74 -19.15 -30.37
N ASP C 19 19.37 -19.26 -29.20
CA ASP C 19 18.99 -20.24 -28.20
C ASP C 19 18.13 -19.62 -27.11
N GLN C 20 18.57 -18.47 -26.59
CA GLN C 20 17.79 -17.70 -25.62
C GLN C 20 17.96 -16.22 -25.90
N GLY C 21 16.89 -15.45 -25.70
CA GLY C 21 16.95 -14.00 -25.81
C GLY C 21 16.18 -13.30 -24.71
N HIS C 22 16.68 -12.14 -24.29
CA HIS C 22 15.98 -11.24 -23.39
C HIS C 22 16.04 -9.86 -24.03
N LEU C 23 14.88 -9.23 -24.21
CA LEU C 23 14.80 -7.90 -24.84
C LEU C 23 14.11 -6.91 -23.89
N LEU C 24 14.80 -5.78 -23.69
CA LEU C 24 14.30 -4.68 -22.89
C LEU C 24 13.23 -3.93 -23.66
N VAL C 25 12.03 -3.81 -23.07
CA VAL C 25 10.89 -3.22 -23.76
C VAL C 25 10.38 -1.87 -23.22
N ASN C 26 10.82 -1.46 -22.03
CA ASN C 26 10.33 -0.22 -21.40
C ASN C 26 11.42 0.84 -21.12
N ASN C 27 12.60 0.65 -21.70
CA ASN C 27 13.73 1.57 -21.52
C ASN C 27 14.37 1.58 -20.13
N VAL C 28 13.89 0.69 -19.25
CA VAL C 28 14.32 0.66 -17.85
C VAL C 28 14.80 -0.73 -17.46
N ASP C 29 13.88 -1.61 -17.07
CA ASP C 29 14.24 -2.92 -16.51
C ASP C 29 13.30 -4.10 -16.88
N LYS C 30 12.31 -3.88 -17.70
CA LYS C 30 11.39 -4.93 -18.10
C LYS C 30 11.93 -5.65 -19.34
N TYR C 31 12.28 -6.93 -19.18
CA TYR C 31 12.70 -7.75 -20.30
C TYR C 31 11.65 -8.80 -20.64
N VAL C 32 11.44 -8.99 -21.94
CA VAL C 32 10.63 -10.09 -22.43
C VAL C 32 11.54 -11.18 -22.99
N ARG C 33 11.12 -12.43 -22.85
CA ARG C 33 11.99 -13.56 -23.14
C ARG C 33 11.54 -14.37 -24.35
N ALA C 34 12.53 -14.88 -25.09
CA ALA C 34 12.32 -15.94 -26.08
C ALA C 34 13.29 -17.08 -25.84
N GLY C 35 12.88 -18.26 -26.30
CA GLY C 35 13.73 -19.42 -26.31
C GLY C 35 14.32 -19.66 -27.69
N ARG C 36 14.52 -20.92 -28.04
CA ARG C 36 15.24 -21.26 -29.24
C ARG C 36 14.46 -20.83 -30.45
N GLY C 37 15.19 -20.33 -31.46
CA GLY C 37 14.58 -19.90 -32.70
C GLY C 37 15.50 -18.93 -33.44
N VAL C 38 14.92 -17.84 -33.93
CA VAL C 38 15.66 -16.87 -34.73
C VAL C 38 15.49 -15.47 -34.13
N MET C 39 16.60 -14.73 -34.04
CA MET C 39 16.58 -13.30 -33.74
C MET C 39 16.81 -12.52 -35.04
N VAL C 40 15.92 -11.58 -35.29
CA VAL C 40 15.79 -10.81 -36.50
C VAL C 40 16.03 -9.36 -36.17
N TYR C 41 17.08 -8.77 -36.74
CA TYR C 41 17.25 -7.31 -36.76
C TYR C 41 16.68 -6.80 -38.06
N ILE C 42 15.87 -5.74 -38.01
CA ILE C 42 15.20 -5.26 -39.22
C ILE C 42 15.32 -3.76 -39.43
N ALA C 43 15.59 -3.38 -40.67
CA ALA C 43 15.63 -1.98 -41.12
C ALA C 43 14.83 -1.85 -42.40
N PHE C 44 14.21 -0.69 -42.55
CA PHE C 44 13.47 -0.34 -43.75
C PHE C 44 14.24 0.81 -44.41
N LEU C 45 14.69 0.55 -45.63
CA LEU C 45 15.59 1.45 -46.35
C LEU C 45 14.97 1.91 -47.68
N SER C 46 15.45 3.05 -48.18
CA SER C 46 14.80 3.75 -49.27
C SER C 46 15.77 4.63 -50.08
N ASP C 47 15.50 4.72 -51.38
CA ASP C 47 16.02 5.81 -52.23
C ASP C 47 15.06 7.00 -52.11
N ARG C 48 15.54 8.18 -52.50
CA ARG C 48 14.67 9.34 -52.61
C ARG C 48 13.52 9.11 -53.58
N ASP C 49 13.78 8.37 -54.66
CA ASP C 49 12.80 8.10 -55.70
C ASP C 49 12.32 6.65 -55.75
N SER C 50 12.25 6.01 -54.58
CA SER C 50 11.79 4.63 -54.46
C SER C 50 10.29 4.55 -54.18
N ALA C 51 9.63 3.61 -54.85
CA ALA C 51 8.23 3.32 -54.57
C ALA C 51 8.08 2.69 -53.17
N PRO C 52 7.06 3.13 -52.42
CA PRO C 52 6.87 2.67 -51.03
C PRO C 52 6.60 1.18 -50.90
N ILE C 53 6.82 0.63 -49.72
CA ILE C 53 6.57 -0.81 -49.52
C ILE C 53 5.11 -1.04 -49.23
N THR C 54 4.47 -1.88 -50.04
CA THR C 54 3.06 -2.21 -49.84
C THR C 54 2.92 -3.40 -48.91
N ASP C 55 1.65 -3.66 -48.56
CA ASP C 55 1.27 -4.83 -47.78
C ASP C 55 1.76 -6.11 -48.44
N GLU C 56 1.55 -6.21 -49.75
CA GLU C 56 1.95 -7.41 -50.50
C GLU C 56 3.43 -7.65 -50.35
N ALA C 57 4.23 -6.60 -50.52
CA ALA C 57 5.67 -6.67 -50.38
C ALA C 57 6.09 -7.06 -48.96
N LEU C 58 5.36 -6.57 -47.96
CA LEU C 58 5.65 -6.94 -46.56
C LEU C 58 5.42 -8.44 -46.31
N ARG C 59 4.33 -8.98 -46.85
CA ARG C 59 4.03 -10.41 -46.74
C ARG C 59 5.03 -11.26 -47.48
N HIS C 60 5.54 -10.77 -48.63
CA HIS C 60 6.59 -11.47 -49.39
C HIS C 60 7.85 -11.58 -48.57
N ALA C 61 8.19 -10.49 -47.88
CA ALA C 61 9.36 -10.47 -47.04
C ALA C 61 9.20 -11.46 -45.88
N VAL C 62 7.97 -11.60 -45.38
CA VAL C 62 7.74 -12.50 -44.27
C VAL C 62 7.85 -13.95 -44.75
N GLY C 63 7.38 -14.20 -45.97
CA GLY C 63 7.56 -15.47 -46.64
C GLY C 63 9.01 -15.86 -46.82
N VAL C 64 9.88 -14.90 -47.17
CA VAL C 64 11.31 -15.19 -47.27
C VAL C 64 11.88 -15.55 -45.90
N LEU C 65 11.51 -14.80 -44.88
CA LEU C 65 11.93 -15.12 -43.52
C LEU C 65 11.53 -16.55 -43.09
N LEU C 66 10.28 -16.95 -43.37
CA LEU C 66 9.74 -18.19 -42.82
C LEU C 66 9.87 -19.42 -43.72
N HIS C 67 9.93 -19.22 -45.04
CA HIS C 67 9.96 -20.32 -46.01
C HIS C 67 11.36 -20.78 -46.39
N THR C 68 12.35 -19.90 -46.25
CA THR C 68 13.72 -20.23 -46.62
C THR C 68 14.32 -21.16 -45.56
N LYS C 69 14.95 -22.23 -46.04
CA LYS C 69 15.70 -23.12 -45.17
C LYS C 69 17.07 -22.47 -44.92
N ILE C 70 17.27 -21.96 -43.70
CA ILE C 70 18.46 -21.20 -43.36
C ILE C 70 19.23 -21.93 -42.27
N PHE C 71 18.58 -22.15 -41.12
CA PHE C 71 19.26 -22.58 -39.91
C PHE C 71 19.24 -24.09 -39.67
N THR C 72 20.25 -24.54 -38.92
CA THR C 72 20.48 -25.97 -38.66
C THR C 72 20.30 -26.37 -37.17
N HIS C 73 19.92 -25.42 -36.32
CA HIS C 73 19.95 -25.63 -34.87
C HIS C 73 18.55 -25.90 -34.25
N PHE C 74 17.51 -25.86 -35.06
CA PHE C 74 16.12 -26.01 -34.58
C PHE C 74 15.81 -27.38 -33.97
N SER C 75 16.35 -28.42 -34.57
CA SER C 75 16.01 -29.80 -34.27
C SER C 75 17.23 -30.64 -33.87
N PRO C 76 17.66 -30.50 -32.62
CA PRO C 76 18.85 -31.22 -32.12
C PRO C 76 18.68 -32.74 -32.12
N GLU C 77 17.44 -33.21 -32.10
CA GLU C 77 17.12 -34.64 -32.21
C GLU C 77 17.29 -35.27 -33.61
N LYS C 78 17.62 -34.46 -34.61
CA LYS C 78 17.80 -34.92 -35.99
C LYS C 78 19.13 -35.66 -36.10
N MET C 79 19.09 -36.88 -36.62
CA MET C 79 20.31 -37.64 -36.85
C MET C 79 21.24 -36.84 -37.75
N ILE C 80 20.73 -36.34 -38.87
CA ILE C 80 21.53 -35.51 -39.79
C ILE C 80 20.93 -34.10 -39.87
N ASN C 81 21.71 -33.10 -39.48
CA ASN C 81 21.21 -31.72 -39.46
C ASN C 81 21.30 -31.10 -40.85
N GLN C 82 20.17 -30.63 -41.34
CA GLN C 82 20.10 -29.88 -42.59
C GLN C 82 19.44 -28.53 -42.27
N PRO C 83 19.71 -27.51 -43.07
CA PRO C 83 18.98 -26.23 -42.91
C PRO C 83 17.47 -26.52 -42.95
N GLN C 84 16.74 -25.85 -42.08
CA GLN C 84 15.28 -25.98 -41.99
C GLN C 84 14.67 -24.59 -42.06
N SER C 85 13.44 -24.52 -42.56
CA SER C 85 12.68 -23.30 -42.55
C SER C 85 12.01 -23.15 -41.19
N LEU C 86 11.78 -21.91 -40.79
CA LEU C 86 10.92 -21.64 -39.65
C LEU C 86 9.54 -22.26 -39.85
N GLU C 87 9.05 -22.23 -41.08
CA GLU C 87 7.73 -22.75 -41.39
C GLU C 87 7.60 -24.22 -40.97
N GLU C 88 8.59 -25.02 -41.31
CA GLU C 88 8.51 -26.43 -40.97
C GLU C 88 8.82 -26.72 -39.49
N CYS C 89 9.18 -25.67 -38.75
CA CYS C 89 9.37 -25.78 -37.31
C CYS C 89 8.51 -24.76 -36.53
N PRO C 90 7.19 -24.96 -36.50
CA PRO C 90 6.24 -23.94 -36.00
C PRO C 90 6.41 -23.51 -34.54
N GLU C 91 7.12 -24.30 -33.74
CA GLU C 91 7.31 -24.02 -32.31
C GLU C 91 8.52 -23.14 -32.01
N MET C 92 9.40 -22.92 -32.99
CA MET C 92 10.54 -22.04 -32.76
C MET C 92 10.05 -20.62 -32.46
N ASP C 93 10.78 -19.94 -31.59
CA ASP C 93 10.50 -18.55 -31.25
C ASP C 93 11.17 -17.61 -32.23
N ILE C 94 10.57 -16.44 -32.41
CA ILE C 94 11.12 -15.40 -33.23
C ILE C 94 11.16 -14.13 -32.38
N LEU C 95 12.34 -13.50 -32.34
CA LEU C 95 12.57 -12.29 -31.58
C LEU C 95 12.96 -11.24 -32.59
N ILE C 96 12.16 -10.19 -32.70
CA ILE C 96 12.33 -9.16 -33.72
C ILE C 96 12.76 -7.86 -33.06
N VAL C 97 13.89 -7.30 -33.51
CA VAL C 97 14.45 -6.08 -32.98
C VAL C 97 14.60 -5.06 -34.11
N PRO C 98 14.02 -3.88 -33.93
CA PRO C 98 14.17 -2.82 -34.93
C PRO C 98 15.59 -2.29 -34.83
N GLN C 99 16.32 -2.31 -35.95
CA GLN C 99 17.69 -1.80 -36.03
C GLN C 99 17.89 -0.97 -37.32
N ALA C 100 17.31 0.23 -37.31
CA ALA C 100 17.31 1.06 -38.52
C ALA C 100 18.74 1.44 -38.89
N SER C 101 19.64 1.40 -37.91
CA SER C 101 21.05 1.74 -38.13
C SER C 101 21.78 0.85 -39.14
N LEU C 102 21.21 -0.31 -39.45
CA LEU C 102 21.71 -1.20 -40.49
C LEU C 102 21.85 -0.55 -41.85
N GLY C 103 21.13 0.55 -42.09
CA GLY C 103 21.20 1.29 -43.34
C GLY C 103 22.23 2.40 -43.32
N GLY C 104 22.87 2.60 -42.16
CA GLY C 104 23.98 3.54 -42.04
C GLY C 104 25.14 3.22 -42.98
N LYS C 105 25.76 4.26 -43.52
CA LYS C 105 26.93 4.14 -44.36
C LYS C 105 28.07 5.08 -43.89
N VAL C 106 29.30 4.63 -44.06
CA VAL C 106 30.46 5.47 -43.76
C VAL C 106 30.54 6.67 -44.70
N LYS C 107 30.72 7.85 -44.11
CA LYS C 107 30.91 9.11 -44.83
C LYS C 107 32.07 9.84 -44.16
N GLY C 108 33.23 9.79 -44.80
CA GLY C 108 34.47 10.25 -44.19
C GLY C 108 34.78 9.47 -42.90
N ARG C 109 34.74 10.17 -41.77
CA ARG C 109 34.95 9.56 -40.46
C ARG C 109 33.69 9.60 -39.59
N SER C 110 32.53 9.62 -40.24
CA SER C 110 31.25 9.52 -39.50
C SER C 110 30.35 8.59 -40.27
N VAL C 111 29.10 8.48 -39.81
CA VAL C 111 28.07 7.63 -40.40
C VAL C 111 26.89 8.51 -40.82
N GLN C 112 26.40 8.31 -42.04
CA GLN C 112 25.21 9.00 -42.54
C GLN C 112 24.10 7.97 -42.67
N PHE C 113 22.88 8.42 -42.45
CA PHE C 113 21.69 7.57 -42.38
C PHE C 113 20.65 7.98 -43.41
N HIS C 114 21.11 8.46 -44.56
CA HIS C 114 20.23 8.97 -45.60
C HIS C 114 19.34 7.89 -46.25
N GLN C 115 19.71 6.61 -46.16
CA GLN C 115 18.94 5.49 -46.73
C GLN C 115 17.80 5.06 -45.82
N LEU C 116 17.73 5.56 -44.58
CA LEU C 116 16.70 5.14 -43.62
C LEU C 116 15.40 5.82 -43.98
N VAL C 117 14.30 5.06 -44.01
CA VAL C 117 12.98 5.66 -44.17
C VAL C 117 12.70 6.53 -42.95
N ALA C 118 11.81 7.49 -43.14
CA ALA C 118 11.38 8.39 -42.07
C ALA C 118 10.80 7.58 -40.91
N LYS C 119 10.80 8.21 -39.74
CA LYS C 119 10.38 7.59 -38.49
C LYS C 119 8.99 6.98 -38.52
N ASP C 120 8.01 7.76 -38.97
CA ASP C 120 6.61 7.33 -38.95
C ASP C 120 6.32 6.25 -40.02
N VAL C 121 7.07 6.29 -41.12
CA VAL C 121 6.98 5.30 -42.17
C VAL C 121 7.54 3.98 -41.64
N GLY C 122 8.68 4.05 -40.98
CA GLY C 122 9.32 2.90 -40.39
C GLY C 122 8.52 2.26 -39.28
N ALA C 123 7.94 3.09 -38.43
CA ALA C 123 7.06 2.63 -37.36
C ALA C 123 5.92 1.80 -37.93
N ALA C 124 5.28 2.34 -38.97
CA ALA C 124 4.13 1.70 -39.61
C ALA C 124 4.53 0.37 -40.27
N LEU C 125 5.64 0.38 -41.01
CA LEU C 125 6.10 -0.82 -41.71
C LEU C 125 6.55 -1.88 -40.70
N TYR C 126 7.16 -1.44 -39.60
CA TYR C 126 7.62 -2.34 -38.55
C TYR C 126 6.42 -3.02 -37.86
N ASP C 127 5.47 -2.20 -37.43
CA ASP C 127 4.27 -2.73 -36.80
C ASP C 127 3.54 -3.74 -37.71
N ARG C 128 3.45 -3.40 -38.99
CA ARG C 128 2.74 -4.24 -39.94
C ARG C 128 3.50 -5.56 -40.17
N PHE C 129 4.83 -5.46 -40.16
CA PHE C 129 5.69 -6.60 -40.34
C PHE C 129 5.53 -7.56 -39.18
N CYS C 130 5.51 -7.03 -37.95
CA CYS C 130 5.37 -7.86 -36.76
C CYS C 130 4.00 -8.55 -36.75
N HIS C 131 2.96 -7.80 -37.11
CA HIS C 131 1.61 -8.37 -37.22
C HIS C 131 1.56 -9.56 -38.19
N PHE C 132 2.16 -9.40 -39.37
CA PHE C 132 2.16 -10.47 -40.37
C PHE C 132 2.94 -11.69 -39.87
N VAL C 133 4.01 -11.47 -39.10
CA VAL C 133 4.74 -12.61 -38.55
C VAL C 133 3.87 -13.33 -37.50
N ARG C 134 3.26 -12.57 -36.60
CA ARG C 134 2.35 -13.14 -35.59
C ARG C 134 1.30 -14.04 -36.22
N VAL C 135 0.70 -13.52 -37.27
CA VAL C 135 -0.37 -14.22 -37.96
C VAL C 135 0.17 -15.52 -38.59
N ALA C 136 1.31 -15.44 -39.25
CA ALA C 136 1.87 -16.62 -39.91
C ALA C 136 2.36 -17.66 -38.89
N ARG C 137 2.62 -17.24 -37.65
CA ARG C 137 3.02 -18.17 -36.58
C ARG C 137 1.87 -18.62 -35.69
N GLY C 138 0.65 -18.15 -35.96
CA GLY C 138 -0.53 -18.63 -35.25
C GLY C 138 -0.69 -18.00 -33.87
N VAL C 139 -0.04 -16.86 -33.64
CA VAL C 139 -0.13 -16.18 -32.34
C VAL C 139 -1.58 -15.72 -32.06
N ASP C 140 -2.04 -16.05 -30.86
CA ASP C 140 -3.29 -15.57 -30.33
C ASP C 140 -3.08 -14.13 -29.88
N GLU C 141 -3.43 -13.19 -30.75
CA GLU C 141 -3.13 -11.78 -30.53
C GLU C 141 -3.99 -11.19 -29.41
N SER C 142 -5.05 -11.90 -29.00
CA SER C 142 -5.88 -11.49 -27.87
C SER C 142 -5.24 -11.84 -26.51
N ARG C 143 -4.24 -12.72 -26.52
CA ARG C 143 -3.55 -13.14 -25.29
C ARG C 143 -2.16 -12.49 -25.06
N VAL C 144 -1.69 -11.72 -26.03
CA VAL C 144 -0.36 -11.11 -25.92
C VAL C 144 -0.42 -9.59 -25.95
N ASP C 145 0.64 -8.95 -25.47
CA ASP C 145 0.71 -7.49 -25.39
C ASP C 145 1.42 -6.98 -26.65
N ALA C 146 1.80 -5.70 -26.63
CA ALA C 146 2.37 -5.04 -27.80
C ALA C 146 3.74 -5.63 -28.22
N ASN C 147 4.46 -6.24 -27.28
CA ASN C 147 5.73 -6.92 -27.57
C ASN C 147 5.63 -8.42 -27.82
N GLY C 148 4.40 -8.94 -27.80
CA GLY C 148 4.12 -10.36 -28.03
C GLY C 148 4.30 -11.25 -26.81
N ALA C 149 4.47 -10.60 -25.65
CA ALA C 149 4.61 -11.28 -24.39
C ALA C 149 3.21 -11.48 -23.79
N PRO C 150 3.08 -12.34 -22.77
CA PRO C 150 1.76 -12.57 -22.16
C PRO C 150 1.24 -11.26 -21.53
N ARG C 151 -0.04 -10.97 -21.67
CA ARG C 151 -0.60 -9.68 -21.19
C ARG C 151 -0.48 -9.51 -19.69
N SER C 152 -0.65 -10.62 -18.97
CA SER C 152 -0.42 -10.61 -17.54
C SER C 152 1.05 -10.88 -17.29
N GLU C 153 1.69 -9.95 -16.60
CA GLU C 153 3.10 -10.09 -16.23
C GLU C 153 3.39 -11.29 -15.33
N GLY C 154 2.38 -11.81 -14.64
CA GLY C 154 2.57 -12.98 -13.81
C GLY C 154 2.54 -14.30 -14.55
N ASP C 155 2.05 -14.31 -15.79
CA ASP C 155 2.19 -15.46 -16.67
C ASP C 155 3.50 -15.47 -17.44
N ALA C 156 4.27 -14.39 -17.36
CA ALA C 156 5.56 -14.34 -18.05
C ALA C 156 6.47 -15.45 -17.49
N PRO C 157 7.32 -16.03 -18.34
CA PRO C 157 8.33 -16.97 -17.84
C PRO C 157 9.23 -16.32 -16.81
N LYS C 158 9.85 -17.14 -15.97
CA LYS C 158 10.83 -16.65 -15.00
C LYS C 158 11.96 -15.90 -15.71
N ALA C 159 12.53 -14.93 -15.00
CA ALA C 159 13.49 -13.98 -15.56
C ALA C 159 14.85 -14.59 -15.87
N GLU C 160 15.23 -15.59 -15.08
CA GLU C 160 16.52 -16.25 -15.22
C GLU C 160 16.33 -17.77 -15.27
N GLY C 161 17.27 -18.40 -15.95
CA GLY C 161 17.22 -19.83 -16.21
C GLY C 161 16.66 -20.16 -17.58
N TRP C 162 17.08 -21.31 -18.11
CA TRP C 162 16.67 -21.77 -19.42
C TRP C 162 15.16 -21.86 -19.57
N ILE C 163 14.62 -21.37 -20.68
CA ILE C 163 13.22 -21.59 -21.01
C ILE C 163 13.08 -22.24 -22.38
N LYS C 164 12.06 -23.08 -22.50
CA LYS C 164 11.73 -23.73 -23.75
C LYS C 164 11.17 -22.67 -24.67
N TYR C 165 11.38 -22.85 -25.98
CA TYR C 165 10.61 -22.16 -27.01
C TYR C 165 9.11 -22.41 -26.76
N ASN C 166 8.27 -21.63 -27.43
CA ASN C 166 6.84 -21.80 -27.31
C ASN C 166 6.03 -21.04 -28.36
N SER C 167 6.46 -21.14 -29.62
CA SER C 167 5.78 -20.52 -30.74
C SER C 167 5.59 -19.01 -30.57
N ARG C 168 6.58 -18.34 -29.96
CA ARG C 168 6.48 -16.93 -29.64
C ARG C 168 6.92 -16.03 -30.82
N VAL C 169 6.30 -14.87 -30.91
CA VAL C 169 6.77 -13.79 -31.77
C VAL C 169 6.90 -12.59 -30.84
N ILE C 170 8.14 -12.37 -30.39
CA ILE C 170 8.49 -11.27 -29.51
C ILE C 170 9.09 -10.15 -30.34
N SER C 171 8.67 -8.92 -30.06
CA SER C 171 9.11 -7.77 -30.83
C SER C 171 9.41 -6.56 -29.91
N GLY C 172 10.51 -5.88 -30.21
CA GLY C 172 10.87 -4.68 -29.51
C GLY C 172 9.87 -3.57 -29.69
N THR C 173 9.87 -2.67 -28.72
CA THR C 173 9.07 -1.45 -28.78
C THR C 173 9.80 -0.53 -29.73
N PHE C 174 9.13 -0.14 -30.80
CA PHE C 174 9.73 0.76 -31.79
C PHE C 174 10.07 2.08 -31.12
N GLY C 175 11.27 2.58 -31.42
CA GLY C 175 11.73 3.86 -30.93
C GLY C 175 12.43 3.77 -29.59
N ASN C 176 12.38 2.59 -28.95
CA ASN C 176 13.03 2.39 -27.67
C ASN C 176 14.47 1.94 -27.84
N ARG C 177 15.25 2.05 -26.76
CA ARG C 177 16.58 1.45 -26.68
C ARG C 177 16.43 -0.07 -26.50
N GLN C 178 17.11 -0.81 -27.38
CA GLN C 178 16.91 -2.26 -27.47
C GLN C 178 17.95 -3.02 -26.63
N GLY C 179 17.92 -2.80 -25.33
CA GLY C 179 18.71 -3.57 -24.37
C GLY C 179 18.51 -5.06 -24.62
N LEU C 180 19.59 -5.81 -24.62
CA LEU C 180 19.56 -7.19 -25.10
C LEU C 180 20.48 -8.10 -24.33
N ARG C 181 20.02 -9.31 -24.03
CA ARG C 181 20.87 -10.45 -23.69
C ARG C 181 20.56 -11.56 -24.68
N PHE C 182 21.60 -12.10 -25.29
CA PHE C 182 21.47 -13.04 -26.40
C PHE C 182 22.43 -14.21 -26.16
N GLU C 183 21.92 -15.43 -26.27
CA GLU C 183 22.73 -16.63 -26.18
C GLU C 183 22.53 -17.48 -27.43
N SER C 184 23.62 -18.00 -27.96
CA SER C 184 23.54 -18.79 -29.19
C SER C 184 24.58 -19.89 -29.16
N GLU C 185 24.24 -21.03 -29.76
CA GLU C 185 25.21 -22.10 -29.98
C GLU C 185 26.11 -21.81 -31.21
N GLY C 186 25.85 -20.71 -31.92
CA GLY C 186 26.58 -20.38 -33.13
C GLY C 186 25.64 -19.55 -33.99
N PRO C 187 25.80 -18.23 -34.02
CA PRO C 187 24.81 -17.35 -34.67
C PRO C 187 24.52 -17.63 -36.13
N PHE C 188 25.50 -18.12 -36.90
CA PHE C 188 25.30 -18.46 -38.29
C PHE C 188 24.59 -17.31 -39.03
N THR C 189 25.13 -16.11 -38.85
CA THR C 189 24.44 -14.90 -39.17
C THR C 189 24.24 -14.76 -40.69
N HIS C 190 22.99 -14.51 -41.04
CA HIS C 190 22.65 -14.18 -42.43
C HIS C 190 22.19 -12.71 -42.54
N MET C 191 22.48 -12.15 -43.70
CA MET C 191 22.09 -10.79 -44.04
C MET C 191 21.40 -10.84 -45.39
N PHE C 192 20.09 -10.57 -45.38
CA PHE C 192 19.28 -10.55 -46.60
C PHE C 192 18.69 -9.16 -46.89
N ASP C 193 18.95 -8.64 -48.09
CA ASP C 193 18.19 -7.51 -48.63
C ASP C 193 17.04 -8.06 -49.45
N ILE C 194 15.83 -7.71 -49.04
CA ILE C 194 14.61 -8.22 -49.64
C ILE C 194 13.97 -7.06 -50.41
N MET D 9 35.33 22.00 33.47
CA MET D 9 33.88 22.35 33.50
C MET D 9 33.03 21.07 33.29
N THR D 10 32.15 20.81 34.25
CA THR D 10 31.47 19.54 34.37
C THR D 10 29.98 19.65 34.04
N ILE D 11 29.50 18.73 33.23
CA ILE D 11 28.06 18.53 33.05
C ILE D 11 27.69 17.37 33.99
N ARG D 12 26.96 17.67 35.08
CA ARG D 12 26.43 16.63 35.97
C ARG D 12 25.01 16.27 35.58
N VAL D 13 24.78 14.98 35.35
CA VAL D 13 23.43 14.51 35.14
C VAL D 13 23.06 13.38 36.08
N MET D 14 21.81 13.42 36.56
N MET D 14 21.83 13.45 36.59
CA MET D 14 21.20 12.33 37.29
CA MET D 14 21.19 12.32 37.26
C MET D 14 20.12 11.74 36.35
C MET D 14 20.20 11.76 36.25
N LEU D 15 20.20 10.43 36.09
CA LEU D 15 19.39 9.74 35.11
C LEU D 15 18.50 8.71 35.79
N GLN D 16 17.19 8.76 35.54
CA GLN D 16 16.25 7.82 36.15
C GLN D 16 15.40 7.18 35.06
N ALA D 17 15.14 5.89 35.24
CA ALA D 17 14.20 5.13 34.43
C ALA D 17 12.78 5.64 34.69
N MET D 18 12.20 6.26 33.68
CA MET D 18 10.89 6.87 33.74
C MET D 18 9.88 5.95 33.11
N ASP D 19 8.73 5.78 33.77
CA ASP D 19 7.57 5.22 33.11
C ASP D 19 6.59 6.29 32.67
N GLN D 20 6.30 7.25 33.55
CA GLN D 20 5.49 8.42 33.22
C GLN D 20 6.08 9.63 33.92
N GLY D 21 5.96 10.81 33.29
CA GLY D 21 6.33 12.07 33.93
C GLY D 21 5.39 13.21 33.55
N HIS D 22 5.17 14.10 34.52
CA HIS D 22 4.46 15.35 34.30
C HIS D 22 5.32 16.46 34.88
N LEU D 23 5.58 17.49 34.08
CA LEU D 23 6.44 18.58 34.45
C LEU D 23 5.74 19.94 34.32
N LEU D 24 5.76 20.70 35.41
CA LEU D 24 5.16 22.01 35.46
C LEU D 24 6.04 23.00 34.71
N VAL D 25 5.44 23.67 33.72
CA VAL D 25 6.20 24.55 32.84
C VAL D 25 5.90 26.05 32.95
N ASN D 26 4.82 26.44 33.64
CA ASN D 26 4.45 27.87 33.74
C ASN D 26 4.35 28.41 35.18
N ASN D 27 4.89 27.68 36.14
CA ASN D 27 4.92 28.06 37.56
C ASN D 27 3.55 28.05 38.25
N VAL D 28 2.51 27.60 37.54
CA VAL D 28 1.15 27.62 38.04
C VAL D 28 0.51 26.22 37.96
N ASP D 29 -0.04 25.86 36.80
CA ASP D 29 -0.82 24.63 36.66
C ASP D 29 -0.71 23.90 35.29
N LYS D 30 0.15 24.36 34.41
CA LYS D 30 0.34 23.72 33.12
C LYS D 30 1.44 22.66 33.21
N TYR D 31 1.05 21.40 33.06
CA TYR D 31 1.99 20.30 33.02
C TYR D 31 2.12 19.71 31.64
N VAL D 32 3.35 19.44 31.24
CA VAL D 32 3.63 18.70 30.01
C VAL D 32 4.00 17.27 30.37
N ARG D 33 3.66 16.33 29.50
CA ARG D 33 3.74 14.91 29.85
C ARG D 33 4.76 14.16 28.97
N ALA D 34 5.38 13.17 29.58
CA ALA D 34 6.15 12.16 28.87
C ALA D 34 5.75 10.78 29.35
N GLY D 35 5.96 9.81 28.46
CA GLY D 35 5.78 8.41 28.76
C GLY D 35 7.11 7.76 29.08
N ARG D 36 7.22 6.48 28.72
CA ARG D 36 8.35 5.67 29.12
C ARG D 36 9.59 6.20 28.46
N GLY D 37 10.67 6.22 29.24
CA GLY D 37 11.97 6.64 28.76
C GLY D 37 12.90 6.98 29.92
N VAL D 38 13.58 8.12 29.80
CA VAL D 38 14.56 8.56 30.81
C VAL D 38 14.23 9.99 31.22
N MET D 39 14.31 10.24 32.53
CA MET D 39 14.28 11.57 33.12
C MET D 39 15.70 11.97 33.52
N VAL D 40 16.08 13.15 33.06
CA VAL D 40 17.43 13.69 33.18
C VAL D 40 17.37 14.95 34.01
N TYR D 41 18.08 14.93 35.15
CA TYR D 41 18.32 16.16 35.92
C TYR D 41 19.72 16.67 35.50
N ILE D 42 19.83 17.94 35.17
CA ILE D 42 21.08 18.45 34.62
C ILE D 42 21.56 19.71 35.30
N ALA D 43 22.87 19.74 35.58
CA ALA D 43 23.55 20.91 36.14
C ALA D 43 24.84 21.16 35.38
N PHE D 44 25.20 22.43 35.26
CA PHE D 44 26.43 22.86 34.63
C PHE D 44 27.31 23.46 35.71
N LEU D 45 28.49 22.88 35.89
CA LEU D 45 29.36 23.20 37.02
C LEU D 45 30.74 23.65 36.51
N SER D 46 31.44 24.41 37.34
CA SER D 46 32.67 25.09 36.93
C SER D 46 33.59 25.36 38.10
N ASP D 47 34.89 25.34 37.81
CA ASP D 47 35.91 25.96 38.64
C ASP D 47 36.03 27.44 38.23
N ARG D 48 36.63 28.26 39.11
CA ARG D 48 36.93 29.64 38.77
C ARG D 48 37.83 29.74 37.54
N ASP D 49 38.76 28.79 37.40
CA ASP D 49 39.70 28.77 36.30
C ASP D 49 39.48 27.66 35.29
N SER D 50 38.21 27.30 35.08
CA SER D 50 37.85 26.26 34.11
C SER D 50 37.53 26.85 32.73
N ALA D 51 38.01 26.16 31.70
CA ALA D 51 37.69 26.51 30.33
C ALA D 51 36.20 26.21 30.05
N PRO D 52 35.52 27.14 29.36
CA PRO D 52 34.08 27.01 29.11
C PRO D 52 33.70 25.81 28.23
N ILE D 53 32.46 25.37 28.37
CA ILE D 53 31.98 24.25 27.58
C ILE D 53 31.62 24.71 26.18
N THR D 54 32.26 24.09 25.20
CA THR D 54 32.01 24.38 23.80
C THR D 54 30.83 23.56 23.29
N ASP D 55 30.42 23.87 22.06
CA ASP D 55 29.43 23.09 21.36
C ASP D 55 29.84 21.63 21.27
N GLU D 56 31.10 21.40 20.94
CA GLU D 56 31.65 20.05 20.80
C GLU D 56 31.47 19.27 22.08
N ALA D 57 31.84 19.90 23.18
CA ALA D 57 31.67 19.30 24.50
C ALA D 57 30.21 18.98 24.79
N LEU D 58 29.28 19.86 24.39
CA LEU D 58 27.85 19.63 24.62
C LEU D 58 27.33 18.45 23.78
N ARG D 59 27.72 18.40 22.51
CA ARG D 59 27.41 17.27 21.63
C ARG D 59 27.94 15.94 22.18
N HIS D 60 29.17 15.95 22.74
CA HIS D 60 29.80 14.79 23.36
C HIS D 60 29.01 14.29 24.55
N ALA D 61 28.54 15.23 25.36
CA ALA D 61 27.75 14.87 26.52
C ALA D 61 26.41 14.24 26.09
N VAL D 62 25.85 14.72 24.98
CA VAL D 62 24.59 14.17 24.47
C VAL D 62 24.86 12.74 23.99
N GLY D 63 26.02 12.53 23.36
CA GLY D 63 26.45 11.21 22.92
C GLY D 63 26.54 10.23 24.07
N VAL D 64 27.06 10.68 25.22
CA VAL D 64 27.14 9.82 26.40
C VAL D 64 25.71 9.49 26.89
N LEU D 65 24.85 10.49 26.94
CA LEU D 65 23.45 10.25 27.32
C LEU D 65 22.76 9.21 26.43
N LEU D 66 22.98 9.30 25.12
CA LEU D 66 22.21 8.52 24.16
C LEU D 66 22.86 7.18 23.78
N HIS D 67 24.18 7.12 23.79
CA HIS D 67 24.92 5.95 23.24
C HIS D 67 25.24 4.91 24.30
N THR D 68 25.26 5.30 25.57
CA THR D 68 25.59 4.39 26.65
C THR D 68 24.39 3.49 26.94
N LYS D 69 24.66 2.20 27.04
CA LYS D 69 23.68 1.21 27.43
C LYS D 69 23.58 1.30 28.95
N ILE D 70 22.50 1.89 29.45
CA ILE D 70 22.31 2.14 30.88
C ILE D 70 21.10 1.36 31.39
N PHE D 71 19.93 1.60 30.79
CA PHE D 71 18.66 1.13 31.37
C PHE D 71 18.11 -0.17 30.78
N THR D 72 17.32 -0.88 31.60
CA THR D 72 16.81 -2.21 31.28
C THR D 72 15.29 -2.26 31.07
N HIS D 73 14.59 -1.10 31.17
CA HIS D 73 13.13 -1.07 31.21
C HIS D 73 12.47 -0.64 29.88
N PHE D 74 13.27 -0.32 28.88
CA PHE D 74 12.73 0.19 27.63
C PHE D 74 11.88 -0.80 26.83
N SER D 75 12.29 -2.06 26.85
CA SER D 75 11.71 -3.11 26.00
C SER D 75 11.20 -4.30 26.83
N PRO D 76 9.99 -4.16 27.41
CA PRO D 76 9.41 -5.21 28.26
C PRO D 76 9.13 -6.50 27.48
N GLU D 77 8.98 -6.42 26.16
CA GLU D 77 8.83 -7.60 25.29
C GLU D 77 10.10 -8.46 25.08
N LYS D 78 11.24 -8.01 25.60
CA LYS D 78 12.50 -8.72 25.47
C LYS D 78 12.48 -9.94 26.39
N MET D 79 12.80 -11.11 25.83
CA MET D 79 12.90 -12.31 26.62
C MET D 79 13.96 -12.14 27.70
N ILE D 80 15.14 -11.67 27.33
CA ILE D 80 16.21 -11.40 28.29
C ILE D 80 16.53 -9.90 28.31
N ASN D 81 16.32 -9.25 29.45
CA ASN D 81 16.55 -7.81 29.55
C ASN D 81 18.04 -7.52 29.76
N GLN D 82 18.60 -6.71 28.86
CA GLN D 82 19.96 -6.20 29.00
C GLN D 82 19.89 -4.68 28.97
N PRO D 83 20.87 -4.00 29.55
CA PRO D 83 20.94 -2.54 29.41
C PRO D 83 20.92 -2.17 27.91
N GLN D 84 20.19 -1.12 27.58
CA GLN D 84 20.04 -0.65 26.21
C GLN D 84 20.35 0.83 26.20
N SER D 85 20.82 1.31 25.06
CA SER D 85 21.01 2.73 24.84
C SER D 85 19.71 3.36 24.37
N LEU D 86 19.54 4.64 24.69
CA LEU D 86 18.44 5.42 24.14
C LEU D 86 18.50 5.40 22.63
N GLU D 87 19.70 5.42 22.07
CA GLU D 87 19.88 5.42 20.63
C GLU D 87 19.23 4.22 19.96
N GLU D 88 19.38 3.04 20.55
CA GLU D 88 18.80 1.85 19.94
C GLU D 88 17.29 1.72 20.24
N CYS D 89 16.77 2.64 21.04
CA CYS D 89 15.34 2.71 21.30
C CYS D 89 14.80 4.12 21.00
N PRO D 90 14.68 4.47 19.71
CA PRO D 90 14.36 5.85 19.29
C PRO D 90 13.03 6.39 19.77
N GLU D 91 12.09 5.50 20.12
CA GLU D 91 10.74 5.94 20.53
C GLU D 91 10.63 6.27 22.04
N MET D 92 11.63 5.93 22.84
CA MET D 92 11.58 6.31 24.25
C MET D 92 11.53 7.84 24.39
N ASP D 93 10.82 8.30 25.41
CA ASP D 93 10.74 9.71 25.75
C ASP D 93 11.92 10.11 26.63
N ILE D 94 12.30 11.39 26.52
CA ILE D 94 13.29 11.99 27.40
C ILE D 94 12.66 13.25 28.01
N LEU D 95 12.77 13.34 29.33
CA LEU D 95 12.27 14.47 30.10
C LEU D 95 13.48 15.08 30.78
N ILE D 96 13.75 16.35 30.47
CA ILE D 96 14.95 17.03 30.94
C ILE D 96 14.55 18.13 31.90
N VAL D 97 15.11 18.08 33.11
CA VAL D 97 14.80 19.02 34.16
C VAL D 97 16.09 19.69 34.63
N PRO D 98 16.14 21.02 34.55
CA PRO D 98 17.30 21.74 35.02
C PRO D 98 17.32 21.67 36.54
N GLN D 99 18.44 21.19 37.11
CA GLN D 99 18.61 21.10 38.57
C GLN D 99 20.05 21.52 38.97
N ALA D 100 20.28 22.84 38.97
CA ALA D 100 21.61 23.40 39.17
C ALA D 100 22.08 23.09 40.57
N SER D 101 21.12 22.85 41.46
CA SER D 101 21.38 22.53 42.85
C SER D 101 22.20 21.26 43.08
N LEU D 102 22.31 20.41 42.05
CA LEU D 102 23.19 19.23 42.06
C LEU D 102 24.66 19.54 42.33
N GLY D 103 25.05 20.80 42.08
CA GLY D 103 26.41 21.26 42.33
C GLY D 103 26.63 21.82 43.73
N GLY D 104 25.55 21.95 44.49
CA GLY D 104 25.64 22.38 45.88
C GLY D 104 26.49 21.45 46.72
N LYS D 105 27.26 22.03 47.64
CA LYS D 105 28.06 21.28 48.62
C LYS D 105 27.76 21.75 50.02
N VAL D 106 27.87 20.83 50.99
CA VAL D 106 27.73 21.18 52.39
C VAL D 106 28.88 22.07 52.86
N LYS D 107 28.52 23.15 53.56
CA LYS D 107 29.46 24.07 54.19
C LYS D 107 28.96 24.35 55.60
N GLY D 108 29.59 23.71 56.58
CA GLY D 108 29.09 23.72 57.94
C GLY D 108 27.69 23.12 58.00
N ARG D 109 26.71 23.94 58.37
CA ARG D 109 25.31 23.53 58.43
C ARG D 109 24.45 24.20 57.36
N SER D 110 25.08 24.61 56.26
CA SER D 110 24.34 25.17 55.13
C SER D 110 24.88 24.55 53.84
N VAL D 111 24.39 25.05 52.71
CA VAL D 111 24.80 24.62 51.38
C VAL D 111 25.35 25.82 50.64
N GLN D 112 26.52 25.66 50.01
CA GLN D 112 27.11 26.67 49.15
C GLN D 112 27.03 26.18 47.71
N PHE D 113 26.87 27.14 46.81
CA PHE D 113 26.64 26.87 45.40
C PHE D 113 27.72 27.50 44.50
N HIS D 114 28.94 27.54 45.02
CA HIS D 114 30.06 28.16 44.31
C HIS D 114 30.48 27.45 43.01
N GLN D 115 30.19 26.15 42.86
CA GLN D 115 30.52 25.40 41.65
C GLN D 115 29.50 25.60 40.52
N LEU D 116 28.39 26.29 40.78
CA LEU D 116 27.35 26.50 39.74
C LEU D 116 27.82 27.57 38.78
N VAL D 117 27.70 27.32 37.47
CA VAL D 117 27.91 28.37 36.48
C VAL D 117 26.88 29.47 36.71
N ALA D 118 27.22 30.66 36.23
CA ALA D 118 26.33 31.81 36.30
C ALA D 118 25.03 31.52 35.55
N LYS D 119 24.00 32.28 35.90
CA LYS D 119 22.64 32.08 35.40
C LYS D 119 22.54 32.11 33.86
N ASP D 120 23.11 33.13 33.24
CA ASP D 120 22.99 33.30 31.80
C ASP D 120 23.83 32.29 31.00
N VAL D 121 24.93 31.85 31.61
CA VAL D 121 25.79 30.82 31.05
C VAL D 121 25.05 29.47 31.10
N GLY D 122 24.43 29.20 32.25
CA GLY D 122 23.65 27.99 32.43
C GLY D 122 22.44 27.94 31.53
N ALA D 123 21.77 29.07 31.38
CA ALA D 123 20.60 29.16 30.49
C ALA D 123 20.99 28.79 29.07
N ALA D 124 22.10 29.36 28.60
CA ALA D 124 22.61 29.16 27.25
C ALA D 124 23.02 27.71 27.00
N LEU D 125 23.76 27.13 27.94
CA LEU D 125 24.22 25.75 27.84
C LEU D 125 23.03 24.80 27.91
N TYR D 126 22.05 25.13 28.74
CA TYR D 126 20.86 24.29 28.91
C TYR D 126 20.06 24.28 27.63
N ASP D 127 19.77 25.46 27.11
CA ASP D 127 19.04 25.57 25.87
C ASP D 127 19.72 24.83 24.72
N ARG D 128 21.04 24.96 24.65
CA ARG D 128 21.81 24.36 23.57
C ARG D 128 21.80 22.84 23.72
N PHE D 129 21.88 22.39 24.97
CA PHE D 129 21.83 20.96 25.26
C PHE D 129 20.50 20.34 24.87
N CYS D 130 19.39 21.02 25.14
CA CYS D 130 18.06 20.50 24.79
C CYS D 130 17.90 20.45 23.26
N HIS D 131 18.36 21.49 22.61
CA HIS D 131 18.36 21.54 21.14
C HIS D 131 19.08 20.33 20.53
N PHE D 132 20.28 20.03 21.02
CA PHE D 132 21.07 18.93 20.48
C PHE D 132 20.38 17.58 20.75
N VAL D 133 19.68 17.47 21.87
CA VAL D 133 18.95 16.23 22.16
C VAL D 133 17.77 16.12 21.18
N ARG D 134 17.02 17.20 21.02
CA ARG D 134 15.89 17.22 20.07
C ARG D 134 16.34 16.74 18.72
N VAL D 135 17.47 17.25 18.29
CA VAL D 135 17.98 16.94 16.95
C VAL D 135 18.36 15.47 16.87
N ALA D 136 19.09 14.95 17.85
CA ALA D 136 19.50 13.55 17.85
C ALA D 136 18.29 12.59 17.93
N ARG D 137 17.16 13.06 18.49
CA ARG D 137 15.94 12.24 18.58
C ARG D 137 14.96 12.44 17.43
N GLY D 138 15.31 13.32 16.49
CA GLY D 138 14.52 13.50 15.28
C GLY D 138 13.27 14.33 15.50
N VAL D 139 13.26 15.14 16.54
CA VAL D 139 12.12 16.00 16.86
C VAL D 139 11.90 17.04 15.75
N ASP D 140 10.66 17.13 15.32
CA ASP D 140 10.21 18.15 14.39
C ASP D 140 10.02 19.43 15.19
N GLU D 141 11.05 20.27 15.20
CA GLU D 141 11.09 21.45 16.06
C GLU D 141 10.08 22.53 15.60
N SER D 142 9.54 22.38 14.38
CA SER D 142 8.50 23.26 13.88
C SER D 142 7.11 22.92 14.44
N ARG D 143 6.96 21.72 15.02
CA ARG D 143 5.69 21.27 15.57
C ARG D 143 5.60 21.32 17.11
N VAL D 144 6.71 21.64 17.78
CA VAL D 144 6.71 21.68 19.25
C VAL D 144 7.03 23.07 19.77
N ASP D 145 6.69 23.32 21.04
CA ASP D 145 6.91 24.62 21.67
C ASP D 145 8.23 24.56 22.45
N ALA D 146 8.44 25.55 23.32
CA ALA D 146 9.71 25.72 24.02
C ALA D 146 10.05 24.55 24.96
N ASN D 147 9.03 23.87 25.46
CA ASN D 147 9.21 22.69 26.33
C ASN D 147 9.16 21.35 25.61
N GLY D 148 9.01 21.38 24.29
CA GLY D 148 9.00 20.18 23.48
C GLY D 148 7.63 19.52 23.38
N ALA D 149 6.62 20.20 23.91
CA ALA D 149 5.25 19.75 23.84
C ALA D 149 4.63 20.22 22.54
N PRO D 150 3.47 19.68 22.15
CA PRO D 150 2.81 20.11 20.92
C PRO D 150 2.42 21.59 21.03
N ARG D 151 2.62 22.33 19.97
CA ARG D 151 2.38 23.79 20.01
C ARG D 151 0.94 24.16 20.32
N SER D 152 0.01 23.37 19.80
CA SER D 152 -1.39 23.54 20.15
C SER D 152 -1.68 22.74 21.40
N GLU D 153 -2.14 23.42 22.44
CA GLU D 153 -2.51 22.75 23.69
C GLU D 153 -3.64 21.73 23.56
N GLY D 154 -4.41 21.83 22.48
CA GLY D 154 -5.44 20.85 22.23
C GLY D 154 -4.98 19.53 21.62
N ASP D 155 -3.79 19.48 21.03
CA ASP D 155 -3.23 18.17 20.67
C ASP D 155 -2.34 17.57 21.75
N ALA D 156 -2.22 18.23 22.90
CA ALA D 156 -1.52 17.63 24.03
C ALA D 156 -2.26 16.37 24.48
N PRO D 157 -1.54 15.34 24.93
CA PRO D 157 -2.18 14.18 25.54
C PRO D 157 -3.05 14.56 26.74
N LYS D 158 -4.02 13.72 27.05
CA LYS D 158 -4.86 13.91 28.22
C LYS D 158 -3.99 14.02 29.49
N ALA D 159 -4.48 14.78 30.46
CA ALA D 159 -3.75 15.12 31.67
C ALA D 159 -3.56 13.96 32.63
N GLU D 160 -4.54 13.05 32.66
CA GLU D 160 -4.49 11.89 33.55
C GLU D 160 -4.72 10.61 32.77
N GLY D 161 -4.16 9.55 33.31
CA GLY D 161 -4.17 8.24 32.70
C GLY D 161 -2.88 7.96 31.94
N TRP D 162 -2.56 6.68 31.80
CA TRP D 162 -1.35 6.24 31.13
C TRP D 162 -1.29 6.74 29.70
N ILE D 163 -0.12 7.23 29.28
CA ILE D 163 0.15 7.55 27.88
C ILE D 163 1.37 6.79 27.40
N LYS D 164 1.34 6.42 26.12
CA LYS D 164 2.45 5.76 25.46
C LYS D 164 3.54 6.80 25.30
N TYR D 165 4.78 6.35 25.29
CA TYR D 165 5.93 7.13 24.77
C TYR D 165 5.62 7.53 23.33
N ASN D 166 6.39 8.49 22.80
CA ASN D 166 6.22 8.94 21.43
C ASN D 166 7.40 9.77 20.90
N SER D 167 8.61 9.30 21.16
CA SER D 167 9.85 9.96 20.71
C SER D 167 9.95 11.44 21.15
N ARG D 168 9.47 11.72 22.35
CA ARG D 168 9.41 13.10 22.85
C ARG D 168 10.72 13.51 23.49
N VAL D 169 11.03 14.79 23.40
CA VAL D 169 12.09 15.41 24.20
C VAL D 169 11.41 16.59 24.86
N ILE D 170 11.00 16.37 26.10
CA ILE D 170 10.36 17.35 26.94
C ILE D 170 11.41 17.99 27.86
N SER D 171 11.34 19.31 27.99
CA SER D 171 12.30 20.05 28.79
C SER D 171 11.64 21.14 29.64
N GLY D 172 12.09 21.27 30.87
CA GLY D 172 11.60 22.29 31.75
C GLY D 172 11.93 23.69 31.27
N THR D 173 11.15 24.64 31.74
CA THR D 173 11.41 26.05 31.47
C THR D 173 12.53 26.46 32.41
N PHE D 174 13.66 26.90 31.85
CA PHE D 174 14.80 27.31 32.64
C PHE D 174 14.44 28.46 33.57
N GLY D 175 14.85 28.35 34.84
CA GLY D 175 14.57 29.38 35.83
C GLY D 175 13.22 29.26 36.50
N ASN D 176 12.37 28.34 36.03
CA ASN D 176 11.09 28.07 36.68
C ASN D 176 11.23 27.06 37.79
N ARG D 177 10.21 27.03 38.65
CA ARG D 177 10.04 25.96 39.64
C ARG D 177 9.57 24.68 38.91
N GLN D 178 10.30 23.61 39.14
CA GLN D 178 10.12 22.36 38.39
C GLN D 178 9.16 21.39 39.11
N GLY D 179 7.91 21.81 39.28
CA GLY D 179 6.87 20.94 39.79
C GLY D 179 6.86 19.65 39.00
N LEU D 180 6.72 18.53 39.69
CA LEU D 180 6.95 17.23 39.08
C LEU D 180 6.02 16.16 39.62
N ARG D 181 5.50 15.33 38.74
CA ARG D 181 4.96 14.01 39.09
C ARG D 181 5.72 12.97 38.28
N PHE D 182 6.23 11.95 38.97
CA PHE D 182 7.16 10.99 38.39
C PHE D 182 6.75 9.61 38.82
N GLU D 183 6.64 8.70 37.86
CA GLU D 183 6.35 7.29 38.13
C GLU D 183 7.41 6.43 37.49
N SER D 184 7.82 5.40 38.21
CA SER D 184 8.88 4.54 37.72
C SER D 184 8.68 3.12 38.23
N GLU D 185 9.05 2.14 37.42
CA GLU D 185 9.10 0.75 37.85
C GLU D 185 10.35 0.44 38.67
N GLY D 186 11.25 1.40 38.81
CA GLY D 186 12.52 1.18 39.50
C GLY D 186 13.50 2.18 38.91
N PRO D 187 13.73 3.32 39.56
CA PRO D 187 14.50 4.41 38.92
C PRO D 187 15.93 4.04 38.46
N PHE D 188 16.59 3.08 39.11
CA PHE D 188 17.92 2.63 38.69
C PHE D 188 18.84 3.82 38.43
N THR D 189 18.87 4.72 39.42
CA THR D 189 19.41 6.04 39.23
C THR D 189 20.91 5.99 38.95
N HIS D 190 21.31 6.68 37.89
CA HIS D 190 22.71 6.87 37.59
C HIS D 190 23.07 8.35 37.79
N MET D 191 24.34 8.56 38.14
CA MET D 191 24.92 9.88 38.31
C MET D 191 26.21 9.92 37.52
N PHE D 192 26.24 10.68 36.43
CA PHE D 192 27.47 10.85 35.63
C PHE D 192 27.98 12.28 35.61
N ASP D 193 29.26 12.47 35.94
CA ASP D 193 29.95 13.71 35.64
C ASP D 193 30.65 13.56 34.29
N ILE D 194 30.29 14.43 33.35
CA ILE D 194 30.79 14.36 31.98
C ILE D 194 31.75 15.53 31.76
#